data_4YEF
#
_entry.id   4YEF
#
_cell.length_a   40.718
_cell.length_b   68.394
_cell.length_c   92.211
_cell.angle_alpha   111.72
_cell.angle_beta   95.56
_cell.angle_gamma   90.06
#
_symmetry.space_group_name_H-M   'P 1'
#
loop_
_entity.id
_entity.type
_entity.pdbx_description
1 polymer "5'-AMP-activated protein kinase subunit beta-1"
2 branched Cycloheptakis-(1-4)-(alpha-D-glucopyranose)
3 non-polymer GLYCEROL
4 non-polymer 'SULFATE ION'
5 water water
#
_entity_poly.entity_id   1
_entity_poly.type   'polypeptide(L)'
_entity_poly.pdbx_seq_one_letter_code
;GPLGSPNSQARPTVFRWTGGGKEVYLSGSFNNWSKLPLTRSQNNFVAILDLPEGEHQYKFFVDGQWTHDPSEPIVTSQLG
TVNNIIQVK
;
_entity_poly.pdbx_strand_id   A,B,C,D,E,F,G
#
loop_
_chem_comp.id
_chem_comp.type
_chem_comp.name
_chem_comp.formula
GLC D-saccharide, alpha linking alpha-D-glucopyranose 'C6 H12 O6'
GOL non-polymer GLYCEROL 'C3 H8 O3'
SO4 non-polymer 'SULFATE ION' 'O4 S -2'
#
# COMPACT_ATOMS: atom_id res chain seq x y z
N ALA A 10 -36.89 11.22 1.43
CA ALA A 10 -36.00 10.04 1.68
C ALA A 10 -36.08 9.09 0.48
N ARG A 11 -34.92 8.85 -0.18
CA ARG A 11 -34.92 8.18 -1.48
C ARG A 11 -33.74 7.21 -1.64
N PRO A 12 -34.00 6.02 -2.22
CA PRO A 12 -32.99 5.00 -2.44
C PRO A 12 -31.93 5.39 -3.48
N THR A 13 -30.77 4.75 -3.37
CA THR A 13 -29.65 5.02 -4.25
C THR A 13 -29.44 3.84 -5.21
N VAL A 14 -29.39 4.11 -6.50
CA VAL A 14 -29.14 3.09 -7.48
C VAL A 14 -27.62 2.93 -7.69
N PHE A 15 -27.12 1.72 -7.56
CA PHE A 15 -25.74 1.39 -7.87
C PHE A 15 -25.75 0.60 -9.16
N ARG A 16 -25.04 1.10 -10.16
CA ARG A 16 -25.08 0.55 -11.49
C ARG A 16 -23.64 0.42 -11.99
N TRP A 17 -23.16 -0.81 -12.16
CA TRP A 17 -21.84 -1.07 -12.71
C TRP A 17 -21.98 -1.39 -14.18
N THR A 18 -21.38 -0.56 -15.02
CA THR A 18 -21.50 -0.73 -16.45
C THR A 18 -20.15 -1.10 -17.07
N GLY A 19 -19.17 -1.40 -16.23
CA GLY A 19 -17.82 -1.69 -16.68
C GLY A 19 -17.56 -3.08 -17.22
N GLY A 20 -18.59 -3.92 -17.31
CA GLY A 20 -18.44 -5.29 -17.80
C GLY A 20 -17.89 -6.24 -16.73
N GLY A 21 -17.81 -7.52 -17.10
CA GLY A 21 -17.32 -8.55 -16.17
C GLY A 21 -18.40 -9.58 -15.99
N LYS A 22 -18.10 -10.64 -15.25
CA LYS A 22 -19.05 -11.74 -15.10
C LYS A 22 -19.72 -11.80 -13.73
N GLU A 23 -18.96 -11.48 -12.68
CA GLU A 23 -19.45 -11.59 -11.32
C GLU A 23 -19.00 -10.32 -10.60
N VAL A 24 -19.98 -9.56 -10.13
CA VAL A 24 -19.76 -8.27 -9.52
C VAL A 24 -20.48 -8.16 -8.17
N TYR A 25 -19.75 -7.70 -7.18
CA TYR A 25 -20.26 -7.44 -5.86
C TYR A 25 -20.05 -5.95 -5.50
N LEU A 26 -20.92 -5.46 -4.66
CA LEU A 26 -20.87 -4.10 -4.11
C LEU A 26 -20.44 -4.21 -2.66
N SER A 27 -19.52 -3.33 -2.26
CA SER A 27 -19.00 -3.30 -0.92
C SER A 27 -18.96 -1.85 -0.48
N GLY A 28 -19.12 -1.57 0.79
CA GLY A 28 -19.00 -0.19 1.26
C GLY A 28 -19.13 -0.04 2.73
N SER A 29 -19.04 1.21 3.19
CA SER A 29 -19.18 1.49 4.58
C SER A 29 -20.53 0.96 5.09
N PHE A 30 -21.59 1.07 4.27
CA PHE A 30 -22.94 0.68 4.63
C PHE A 30 -23.08 -0.82 4.90
N ASN A 31 -22.16 -1.65 4.44
CA ASN A 31 -22.22 -3.08 4.79
C ASN A 31 -20.94 -3.59 5.43
N ASN A 32 -20.20 -2.66 6.06
CA ASN A 32 -18.89 -2.96 6.67
C ASN A 32 -17.94 -3.69 5.76
N TRP A 33 -17.99 -3.28 4.49
CA TRP A 33 -17.09 -3.75 3.45
C TRP A 33 -17.19 -5.26 3.25
N SER A 34 -18.39 -5.76 3.38
CA SER A 34 -18.74 -7.12 3.00
C SER A 34 -19.10 -7.12 1.53
N LYS A 35 -19.55 -8.23 0.97
CA LYS A 35 -19.81 -8.30 -0.44
C LYS A 35 -21.30 -8.61 -0.75
N LEU A 36 -21.96 -7.67 -1.42
CA LEU A 36 -23.35 -7.83 -1.87
C LEU A 36 -23.34 -8.24 -3.34
N PRO A 37 -23.72 -9.47 -3.66
CA PRO A 37 -23.72 -9.87 -5.05
C PRO A 37 -24.73 -9.06 -5.86
N LEU A 38 -24.30 -8.53 -6.99
CA LEU A 38 -25.20 -7.73 -7.84
C LEU A 38 -25.90 -8.60 -8.85
N THR A 39 -27.11 -8.21 -9.21
CA THR A 39 -27.84 -8.98 -10.20
C THR A 39 -27.64 -8.33 -11.56
N ARG A 40 -27.43 -9.16 -12.56
CA ARG A 40 -27.16 -8.73 -13.87
C ARG A 40 -28.47 -8.38 -14.54
N SER A 41 -28.57 -7.14 -15.01
CA SER A 41 -29.69 -6.70 -15.81
C SER A 41 -29.10 -6.14 -17.08
N GLN A 42 -29.47 -6.73 -18.21
CA GLN A 42 -28.88 -6.34 -19.49
C GLN A 42 -27.39 -6.74 -19.39
N ASN A 43 -26.49 -5.82 -19.75
CA ASN A 43 -25.06 -6.04 -19.62
C ASN A 43 -24.51 -5.41 -18.35
N ASN A 44 -25.40 -4.89 -17.53
CA ASN A 44 -25.01 -4.19 -16.35
C ASN A 44 -25.37 -4.96 -15.10
N PHE A 45 -24.84 -4.45 -14.00
CA PHE A 45 -25.06 -5.04 -12.67
C PHE A 45 -25.58 -3.95 -11.78
N VAL A 46 -26.67 -4.21 -11.06
CA VAL A 46 -27.41 -3.19 -10.34
C VAL A 46 -27.86 -3.64 -8.95
N ALA A 47 -27.80 -2.72 -7.97
CA ALA A 47 -28.50 -2.87 -6.70
C ALA A 47 -29.14 -1.54 -6.35
N ILE A 48 -30.20 -1.60 -5.56
CA ILE A 48 -30.82 -0.42 -5.01
C ILE A 48 -30.75 -0.51 -3.50
N LEU A 49 -30.16 0.50 -2.86
CA LEU A 49 -30.03 0.53 -1.42
C LEU A 49 -30.64 1.78 -0.84
N ASP A 50 -31.30 1.62 0.30
CA ASP A 50 -31.87 2.74 1.06
C ASP A 50 -30.76 3.32 1.92
N LEU A 51 -30.00 4.26 1.40
CA LEU A 51 -28.93 4.86 2.22
C LEU A 51 -29.40 6.15 2.87
N PRO A 52 -29.14 6.29 4.19
CA PRO A 52 -29.60 7.51 4.86
C PRO A 52 -28.78 8.76 4.52
N GLU A 53 -29.28 9.91 4.96
CA GLU A 53 -28.59 11.16 4.77
C GLU A 53 -27.15 11.05 5.23
N GLY A 54 -26.24 11.57 4.42
CA GLY A 54 -24.82 11.54 4.68
C GLY A 54 -23.95 10.98 3.57
N GLU A 55 -22.72 10.69 3.96
CA GLU A 55 -21.68 10.26 3.04
C GLU A 55 -21.47 8.77 3.14
N HIS A 56 -21.28 8.13 1.98
CA HIS A 56 -21.11 6.68 1.94
C HIS A 56 -20.07 6.28 0.92
N GLN A 57 -19.00 5.66 1.41
CA GLN A 57 -17.93 5.18 0.54
C GLN A 57 -18.23 3.78 0.10
N TYR A 58 -17.84 3.47 -1.12
CA TYR A 58 -18.10 2.17 -1.71
C TYR A 58 -17.09 1.84 -2.80
N LYS A 59 -17.07 0.55 -3.17
CA LYS A 59 -16.25 0.03 -4.23
C LYS A 59 -16.91 -1.24 -4.80
N PHE A 60 -16.46 -1.69 -5.97
CA PHE A 60 -16.92 -2.93 -6.59
C PHE A 60 -15.88 -4.00 -6.49
N PHE A 61 -16.32 -5.27 -6.44
CA PHE A 61 -15.39 -6.39 -6.55
C PHE A 61 -15.80 -7.11 -7.83
N VAL A 62 -14.95 -7.03 -8.86
CA VAL A 62 -15.28 -7.45 -10.22
C VAL A 62 -14.31 -8.53 -10.62
N ASP A 63 -14.85 -9.71 -10.89
CA ASP A 63 -14.04 -10.90 -11.26
C ASP A 63 -12.75 -10.99 -10.46
N GLY A 64 -12.91 -10.92 -9.15
CA GLY A 64 -11.80 -11.15 -8.24
C GLY A 64 -10.91 -9.97 -7.93
N GLN A 65 -11.29 -8.79 -8.44
CA GLN A 65 -10.51 -7.57 -8.29
C GLN A 65 -11.31 -6.44 -7.65
N TRP A 66 -10.72 -5.77 -6.67
CA TRP A 66 -11.30 -4.53 -6.16
C TRP A 66 -11.15 -3.42 -7.20
N THR A 67 -12.26 -2.77 -7.53
CA THR A 67 -12.24 -1.80 -8.58
C THR A 67 -13.19 -0.67 -8.28
N HIS A 68 -12.83 0.55 -8.62
CA HIS A 68 -13.82 1.66 -8.50
C HIS A 68 -14.36 2.03 -9.88
N ASP A 69 -15.47 2.78 -9.87
CA ASP A 69 -16.10 3.29 -11.10
C ASP A 69 -15.42 4.60 -11.44
N PRO A 70 -14.77 4.68 -12.62
CA PRO A 70 -13.99 5.85 -13.00
C PRO A 70 -14.84 7.10 -13.31
N SER A 71 -16.13 6.95 -13.56
CA SER A 71 -16.98 8.14 -13.84
C SER A 71 -17.43 8.80 -12.58
N GLU A 72 -17.30 8.10 -11.44
CA GLU A 72 -17.91 8.54 -10.22
C GLU A 72 -16.90 9.13 -9.26
N PRO A 73 -17.36 9.99 -8.33
CA PRO A 73 -16.45 10.61 -7.38
C PRO A 73 -15.68 9.60 -6.60
N ILE A 74 -14.39 9.90 -6.40
CA ILE A 74 -13.54 9.04 -5.59
C ILE A 74 -12.81 9.84 -4.49
N VAL A 75 -12.37 9.09 -3.49
CA VAL A 75 -11.60 9.62 -2.36
C VAL A 75 -10.59 8.56 -1.96
N THR A 76 -9.43 9.01 -1.47
CA THR A 76 -8.48 8.07 -0.91
C THR A 76 -8.78 7.86 0.58
N SER A 77 -8.91 6.60 0.94
CA SER A 77 -9.18 6.19 2.33
C SER A 77 -7.91 6.28 3.18
N GLN A 78 -8.08 6.10 4.48
CA GLN A 78 -6.98 6.06 5.43
CA GLN A 78 -6.93 6.12 5.39
C GLN A 78 -6.09 4.85 5.23
N LEU A 79 -6.61 3.83 4.55
CA LEU A 79 -5.81 2.69 4.12
C LEU A 79 -4.97 2.99 2.85
N GLY A 80 -5.18 4.14 2.23
CA GLY A 80 -4.47 4.54 1.04
C GLY A 80 -5.11 3.96 -0.22
N THR A 81 -6.33 3.49 -0.07
CA THR A 81 -7.06 2.80 -1.15
C THR A 81 -8.12 3.74 -1.70
N VAL A 82 -8.55 3.57 -2.94
CA VAL A 82 -9.47 4.52 -3.53
C VAL A 82 -10.89 3.96 -3.49
N ASN A 83 -11.81 4.76 -2.97
CA ASN A 83 -13.21 4.38 -2.89
C ASN A 83 -14.03 5.37 -3.69
N ASN A 84 -15.09 4.86 -4.32
CA ASN A 84 -16.16 5.79 -4.73
C ASN A 84 -16.90 6.36 -3.52
N ILE A 85 -17.62 7.45 -3.72
CA ILE A 85 -18.38 8.06 -2.70
C ILE A 85 -19.71 8.64 -3.21
N ILE A 86 -20.73 8.37 -2.42
CA ILE A 86 -22.13 8.90 -2.56
C ILE A 86 -22.34 9.89 -1.44
N GLN A 87 -23.04 10.97 -1.70
CA GLN A 87 -23.51 11.82 -0.63
C GLN A 87 -25.01 11.96 -0.79
N VAL A 88 -25.74 11.61 0.25
CA VAL A 88 -27.21 11.73 0.28
C VAL A 88 -27.61 12.95 1.10
N LYS A 89 -28.42 13.81 0.50
CA LYS A 89 -28.85 15.06 1.13
C LYS A 89 -29.66 14.85 2.36
N GLY B 4 1.48 -18.95 -9.54
CA GLY B 4 2.84 -19.07 -8.93
C GLY B 4 3.33 -17.77 -8.30
N SER B 5 4.62 -17.50 -8.48
CA SER B 5 5.33 -16.43 -7.77
C SER B 5 4.70 -15.06 -8.06
N PRO B 6 4.33 -14.31 -7.00
CA PRO B 6 3.69 -13.00 -7.13
C PRO B 6 4.31 -12.10 -8.20
N ASN B 7 5.64 -11.97 -8.17
CA ASN B 7 6.35 -11.09 -9.14
C ASN B 7 6.13 -11.52 -10.60
N SER B 8 5.91 -12.81 -10.85
CA SER B 8 5.56 -13.28 -12.20
C SER B 8 4.11 -12.94 -12.59
N GLN B 9 3.30 -12.52 -11.62
CA GLN B 9 1.92 -12.07 -11.89
C GLN B 9 1.87 -10.55 -12.18
N ALA B 10 3.01 -9.88 -12.08
CA ALA B 10 3.10 -8.46 -12.44
C ALA B 10 2.84 -8.28 -13.92
N ARG B 11 2.11 -7.23 -14.28
CA ARG B 11 1.65 -7.05 -15.65
C ARG B 11 2.33 -5.83 -16.25
N PRO B 12 2.83 -5.95 -17.50
CA PRO B 12 3.47 -4.80 -18.15
C PRO B 12 2.47 -3.70 -18.37
N THR B 13 2.77 -2.55 -17.80
CA THR B 13 1.85 -1.43 -17.82
C THR B 13 2.53 -0.24 -18.46
N VAL B 14 1.91 0.31 -19.50
CA VAL B 14 2.56 1.37 -20.26
C VAL B 14 2.17 2.74 -19.69
N PHE B 15 3.21 3.54 -19.39
CA PHE B 15 3.08 4.93 -18.97
C PHE B 15 3.60 5.80 -20.08
N ARG B 16 2.67 6.45 -20.78
CA ARG B 16 2.99 7.24 -21.97
C ARG B 16 2.59 8.67 -21.71
N TRP B 17 3.57 9.57 -21.75
CA TRP B 17 3.36 11.00 -21.53
C TRP B 17 3.47 11.65 -22.90
N THR B 18 2.40 12.30 -23.33
CA THR B 18 2.38 12.95 -24.64
C THR B 18 2.62 14.44 -24.61
N GLY B 19 2.81 15.04 -23.45
CA GLY B 19 2.95 16.49 -23.35
C GLY B 19 4.30 17.08 -23.70
N GLY B 20 5.30 16.24 -23.95
CA GLY B 20 6.63 16.71 -24.29
C GLY B 20 7.43 17.26 -23.11
N GLY B 21 8.58 17.82 -23.44
CA GLY B 21 9.46 18.39 -22.46
C GLY B 21 10.87 17.92 -22.76
N LYS B 22 11.79 18.37 -21.94
CA LYS B 22 13.21 17.95 -22.06
C LYS B 22 13.50 16.73 -21.21
N GLU B 23 13.13 16.80 -19.94
CA GLU B 23 13.36 15.70 -19.00
C GLU B 23 12.05 15.34 -18.32
N VAL B 24 11.70 14.06 -18.34
CA VAL B 24 10.41 13.59 -17.82
C VAL B 24 10.71 12.39 -16.91
N TYR B 25 10.10 12.43 -15.73
CA TYR B 25 10.20 11.35 -14.77
C TYR B 25 8.83 10.88 -14.34
N LEU B 26 8.75 9.59 -13.97
CA LEU B 26 7.52 9.00 -13.45
C LEU B 26 7.73 8.68 -11.97
N SER B 27 6.73 9.05 -11.17
CA SER B 27 6.76 8.86 -9.74
C SER B 27 5.46 8.21 -9.31
N GLY B 28 5.51 7.31 -8.34
CA GLY B 28 4.27 6.81 -7.83
C GLY B 28 4.42 5.92 -6.63
N SER B 29 3.30 5.35 -6.19
CA SER B 29 3.29 4.50 -5.03
C SER B 29 4.25 3.33 -5.26
N PHE B 30 4.31 2.89 -6.50
CA PHE B 30 5.16 1.74 -6.88
C PHE B 30 6.66 1.97 -6.75
N ASN B 31 7.12 3.21 -6.66
CA ASN B 31 8.58 3.47 -6.46
C ASN B 31 8.87 4.45 -5.30
N ASN B 32 8.00 4.46 -4.29
CA ASN B 32 8.09 5.36 -3.13
C ASN B 32 8.18 6.82 -3.48
N TRP B 33 7.46 7.18 -4.55
CA TRP B 33 7.40 8.55 -5.02
C TRP B 33 8.77 9.12 -5.33
N SER B 34 9.63 8.26 -5.90
CA SER B 34 10.94 8.65 -6.42
C SER B 34 10.81 9.06 -7.87
N LYS B 35 11.91 9.38 -8.57
CA LYS B 35 11.79 9.85 -9.92
C LYS B 35 12.46 8.91 -10.92
N LEU B 36 11.67 8.12 -11.63
CA LEU B 36 12.19 7.24 -12.66
C LEU B 36 12.30 7.99 -13.99
N PRO B 37 13.52 8.15 -14.52
CA PRO B 37 13.58 8.84 -15.81
C PRO B 37 12.93 8.08 -16.92
N LEU B 38 12.21 8.80 -17.79
CA LEU B 38 11.65 8.23 -19.00
C LEU B 38 12.48 8.66 -20.21
N THR B 39 12.60 7.77 -21.17
CA THR B 39 13.22 8.11 -22.48
C THR B 39 12.13 8.33 -23.51
N ARG B 40 12.42 9.19 -24.47
CA ARG B 40 11.54 9.38 -25.63
C ARG B 40 12.26 8.76 -26.84
N SER B 41 12.17 7.44 -26.97
CA SER B 41 12.93 6.76 -27.98
C SER B 41 12.13 6.75 -29.28
N GLN B 42 10.82 6.92 -29.19
CA GLN B 42 9.97 6.98 -30.39
C GLN B 42 9.23 8.30 -30.38
N ASN B 43 7.92 8.30 -30.34
CA ASN B 43 7.19 9.58 -30.41
C ASN B 43 6.89 10.27 -29.09
N ASN B 44 6.86 9.51 -28.00
CA ASN B 44 6.50 10.02 -26.69
C ASN B 44 7.46 9.53 -25.65
N PHE B 45 7.44 10.18 -24.51
CA PHE B 45 8.12 9.68 -23.32
C PHE B 45 7.32 8.48 -22.80
N VAL B 46 7.95 7.31 -22.73
CA VAL B 46 7.26 6.09 -22.38
C VAL B 46 8.12 5.27 -21.42
N ALA B 47 7.51 4.76 -20.38
CA ALA B 47 8.11 3.64 -19.62
C ALA B 47 7.12 2.53 -19.47
N ILE B 48 7.62 1.30 -19.52
CA ILE B 48 6.78 0.15 -19.22
C ILE B 48 7.20 -0.43 -17.89
N LEU B 49 6.28 -0.48 -16.96
CA LEU B 49 6.53 -0.98 -15.60
C LEU B 49 5.70 -2.25 -15.43
N ASP B 50 6.32 -3.26 -14.84
CA ASP B 50 5.60 -4.47 -14.47
C ASP B 50 5.05 -4.32 -13.08
N LEU B 51 3.72 -4.18 -13.00
CA LEU B 51 3.02 -3.86 -11.78
C LEU B 51 1.95 -4.91 -11.41
N PRO B 52 1.68 -5.07 -10.09
CA PRO B 52 0.65 -6.01 -9.67
C PRO B 52 -0.69 -5.50 -10.10
N GLU B 53 -1.64 -6.43 -10.23
CA GLU B 53 -3.02 -6.10 -10.46
C GLU B 53 -3.48 -5.18 -9.36
N GLY B 54 -4.31 -4.23 -9.73
CA GLY B 54 -4.92 -3.32 -8.77
C GLY B 54 -4.78 -1.89 -9.22
N GLU B 55 -4.95 -0.99 -8.27
CA GLU B 55 -4.94 0.43 -8.53
C GLU B 55 -3.61 1.00 -8.09
N HIS B 56 -3.10 1.97 -8.84
CA HIS B 56 -1.80 2.59 -8.52
C HIS B 56 -1.89 4.07 -8.80
N GLN B 57 -1.50 4.87 -7.82
CA GLN B 57 -1.38 6.32 -8.00
C GLN B 57 0.00 6.70 -8.49
N TYR B 58 0.05 7.73 -9.31
CA TYR B 58 1.30 8.19 -9.91
C TYR B 58 1.16 9.59 -10.42
N LYS B 59 2.31 10.17 -10.72
CA LYS B 59 2.33 11.41 -11.49
C LYS B 59 3.67 11.63 -12.16
N PHE B 60 3.82 12.75 -12.82
CA PHE B 60 5.08 13.02 -13.52
C PHE B 60 5.83 14.18 -12.92
N PHE B 61 7.13 14.22 -13.18
CA PHE B 61 7.96 15.38 -12.85
C PHE B 61 8.65 15.74 -14.16
N VAL B 62 8.32 16.92 -14.67
CA VAL B 62 8.69 17.31 -16.02
C VAL B 62 9.38 18.68 -15.96
N ASP B 63 10.63 18.72 -16.39
CA ASP B 63 11.43 19.95 -16.42
C ASP B 63 11.28 20.75 -15.13
N GLY B 64 11.52 20.06 -14.03
CA GLY B 64 11.55 20.68 -12.71
C GLY B 64 10.22 20.87 -12.02
N GLN B 65 9.13 20.39 -12.61
CA GLN B 65 7.81 20.63 -12.05
C GLN B 65 6.99 19.36 -11.89
N TRP B 66 6.37 19.19 -10.72
CA TRP B 66 5.38 18.13 -10.52
C TRP B 66 4.18 18.45 -11.39
N THR B 67 3.70 17.45 -12.11
CA THR B 67 2.51 17.59 -12.91
C THR B 67 1.75 16.29 -13.14
N HIS B 68 0.44 16.36 -13.15
CA HIS B 68 -0.30 15.16 -13.48
C HIS B 68 -0.62 15.29 -14.96
N ASP B 69 -0.96 14.18 -15.57
CA ASP B 69 -1.39 14.18 -16.94
C ASP B 69 -2.91 14.46 -16.92
N PRO B 70 -3.33 15.61 -17.47
CA PRO B 70 -4.72 15.96 -17.47
C PRO B 70 -5.58 15.12 -18.41
N SER B 71 -5.00 14.29 -19.26
CA SER B 71 -5.78 13.38 -20.09
C SER B 71 -6.04 12.02 -19.45
N GLU B 72 -5.55 11.81 -18.25
CA GLU B 72 -5.73 10.55 -17.53
C GLU B 72 -6.51 10.79 -16.24
N PRO B 73 -7.18 9.74 -15.74
CA PRO B 73 -7.96 9.91 -14.49
C PRO B 73 -7.14 10.40 -13.34
N ILE B 74 -7.78 11.15 -12.46
CA ILE B 74 -7.10 11.71 -11.31
C ILE B 74 -7.80 11.39 -10.01
N VAL B 75 -7.04 11.46 -8.95
CA VAL B 75 -7.52 11.33 -7.58
C VAL B 75 -6.72 12.27 -6.69
N THR B 76 -7.35 12.76 -5.61
CA THR B 76 -6.68 13.52 -4.58
C THR B 76 -6.10 12.56 -3.53
N SER B 77 -4.83 12.73 -3.23
CA SER B 77 -4.18 11.90 -2.18
C SER B 77 -4.57 12.34 -0.80
N GLN B 78 -4.16 11.55 0.20
CA GLN B 78 -4.39 11.94 1.58
C GLN B 78 -3.68 13.23 1.93
N LEU B 79 -2.63 13.53 1.17
CA LEU B 79 -1.87 14.75 1.31
C LEU B 79 -2.54 15.97 0.68
N GLY B 80 -3.67 15.79 -0.02
CA GLY B 80 -4.25 16.90 -0.75
C GLY B 80 -3.66 17.16 -2.12
N THR B 81 -2.83 16.23 -2.63
CA THR B 81 -2.15 16.47 -3.87
C THR B 81 -2.92 15.76 -4.99
N VAL B 82 -2.77 16.22 -6.22
CA VAL B 82 -3.47 15.58 -7.35
C VAL B 82 -2.54 14.56 -8.01
N ASN B 83 -3.00 13.31 -8.01
CA ASN B 83 -2.29 12.20 -8.68
C ASN B 83 -3.13 11.66 -9.81
N ASN B 84 -2.45 11.09 -10.81
CA ASN B 84 -3.14 10.18 -11.70
C ASN B 84 -3.37 8.82 -11.03
N ILE B 85 -4.32 8.08 -11.56
CA ILE B 85 -4.61 6.76 -11.05
C ILE B 85 -4.85 5.82 -12.22
N ILE B 86 -4.22 4.65 -12.14
CA ILE B 86 -4.38 3.64 -13.19
C ILE B 86 -4.83 2.35 -12.53
N GLN B 87 -5.69 1.60 -13.23
CA GLN B 87 -6.15 0.30 -12.76
C GLN B 87 -5.49 -0.73 -13.65
N VAL B 88 -4.69 -1.60 -13.05
CA VAL B 88 -4.07 -2.71 -13.75
C VAL B 88 -4.94 -3.96 -13.57
N LYS B 89 -5.48 -4.49 -14.66
CA LYS B 89 -6.43 -5.61 -14.59
C LYS B 89 -5.67 -6.89 -14.42
N ARG C 11 11.31 -24.72 -10.82
CA ARG C 11 11.65 -24.00 -9.55
C ARG C 11 11.91 -22.51 -9.85
N PRO C 12 11.37 -21.61 -9.02
CA PRO C 12 11.54 -20.17 -9.17
C PRO C 12 12.97 -19.67 -8.98
N THR C 13 13.28 -18.55 -9.59
CA THR C 13 14.61 -17.97 -9.53
C THR C 13 14.58 -16.72 -8.64
N VAL C 14 15.48 -16.65 -7.67
CA VAL C 14 15.61 -15.50 -6.79
C VAL C 14 16.58 -14.47 -7.39
N PHE C 15 16.12 -13.25 -7.58
CA PHE C 15 16.95 -12.14 -8.03
C PHE C 15 17.22 -11.26 -6.82
N ARG C 16 18.49 -11.10 -6.48
CA ARG C 16 18.86 -10.40 -5.26
C ARG C 16 19.95 -9.39 -5.61
N TRP C 17 19.63 -8.11 -5.51
CA TRP C 17 20.59 -7.04 -5.74
C TRP C 17 21.13 -6.59 -4.40
N THR C 18 22.44 -6.74 -4.21
CA THR C 18 23.05 -6.38 -2.94
C THR C 18 24.03 -5.21 -3.11
N GLY C 19 24.00 -4.55 -4.26
CA GLY C 19 24.92 -3.47 -4.59
C GLY C 19 24.59 -2.10 -4.04
N GLY C 20 23.52 -2.00 -3.26
CA GLY C 20 23.12 -0.72 -2.67
C GLY C 20 22.32 0.13 -3.66
N GLY C 21 21.83 1.26 -3.16
CA GLY C 21 21.03 2.16 -3.98
C GLY C 21 19.71 2.37 -3.30
N LYS C 22 18.90 3.26 -3.84
CA LYS C 22 17.61 3.57 -3.23
C LYS C 22 16.43 2.99 -4.01
N GLU C 23 16.52 2.99 -5.33
CA GLU C 23 15.42 2.51 -6.19
C GLU C 23 16.01 1.58 -7.25
N VAL C 24 15.59 0.33 -7.22
CA VAL C 24 16.11 -0.70 -8.08
C VAL C 24 15.00 -1.43 -8.82
N TYR C 25 15.16 -1.59 -10.12
CA TYR C 25 14.26 -2.33 -10.96
C TYR C 25 15.03 -3.48 -11.65
N LEU C 26 14.30 -4.53 -11.96
CA LEU C 26 14.82 -5.68 -12.70
C LEU C 26 14.24 -5.65 -14.10
N SER C 27 15.09 -5.91 -15.09
CA SER C 27 14.68 -5.89 -16.48
C SER C 27 15.30 -7.11 -17.16
N GLY C 28 14.64 -7.70 -18.13
CA GLY C 28 15.25 -8.83 -18.84
C GLY C 28 14.46 -9.29 -20.03
N SER C 29 14.96 -10.31 -20.70
CA SER C 29 14.25 -10.87 -21.82
C SER C 29 12.83 -11.32 -21.38
N PHE C 30 12.72 -11.84 -20.15
CA PHE C 30 11.46 -12.35 -19.61
C PHE C 30 10.38 -11.32 -19.47
N ASN C 31 10.74 -10.03 -19.42
CA ASN C 31 9.70 -8.98 -19.41
C ASN C 31 9.84 -7.95 -20.55
N ASN C 32 10.48 -8.40 -21.63
CA ASN C 32 10.77 -7.53 -22.80
C ASN C 32 11.47 -6.25 -22.43
N TRP C 33 12.36 -6.37 -21.44
CA TRP C 33 13.19 -5.29 -21.01
C TRP C 33 12.41 -4.10 -20.49
N SER C 34 11.31 -4.41 -19.83
CA SER C 34 10.54 -3.43 -19.06
C SER C 34 11.12 -3.36 -17.67
N LYS C 35 10.54 -2.59 -16.75
CA LYS C 35 11.12 -2.42 -15.43
C LYS C 35 10.17 -2.95 -14.33
N LEU C 36 10.66 -3.94 -13.62
CA LEU C 36 9.97 -4.53 -12.47
C LEU C 36 10.54 -3.91 -11.20
N PRO C 37 9.76 -3.11 -10.48
CA PRO C 37 10.30 -2.47 -9.29
C PRO C 37 10.58 -3.52 -8.22
N LEU C 38 11.77 -3.49 -7.63
CA LEU C 38 12.12 -4.51 -6.64
C LEU C 38 11.75 -4.04 -5.26
N THR C 39 11.41 -5.00 -4.41
CA THR C 39 11.03 -4.66 -3.06
C THR C 39 12.26 -4.77 -2.16
N ARG C 40 12.40 -3.79 -1.28
CA ARG C 40 13.54 -3.68 -0.45
C ARG C 40 13.36 -4.60 0.75
N SER C 41 14.34 -5.44 0.98
CA SER C 41 14.38 -6.26 2.18
C SER C 41 15.77 -6.13 2.75
N GLN C 42 15.88 -5.44 3.88
CA GLN C 42 17.09 -5.48 4.70
C GLN C 42 18.37 -5.12 3.94
N ASN C 43 18.35 -3.95 3.31
CA ASN C 43 19.48 -3.43 2.53
C ASN C 43 19.52 -3.94 1.10
N ASN C 44 18.85 -5.05 0.84
CA ASN C 44 18.86 -5.66 -0.45
C ASN C 44 17.53 -5.48 -1.13
N PHE C 45 17.52 -5.80 -2.42
CA PHE C 45 16.35 -5.70 -3.27
C PHE C 45 16.14 -7.04 -3.90
N VAL C 46 14.95 -7.61 -3.79
CA VAL C 46 14.67 -8.98 -4.21
C VAL C 46 13.40 -9.11 -5.02
N ALA C 47 13.43 -10.00 -6.02
CA ALA C 47 12.21 -10.50 -6.65
C ALA C 47 12.35 -11.99 -6.83
N ILE C 48 11.23 -12.70 -6.89
CA ILE C 48 11.21 -14.12 -7.21
C ILE C 48 10.40 -14.29 -8.49
N LEU C 49 11.00 -14.89 -9.53
CA LEU C 49 10.34 -15.10 -10.80
C LEU C 49 10.32 -16.54 -11.19
N ASP C 50 9.19 -17.00 -11.71
CA ASP C 50 9.09 -18.37 -12.22
C ASP C 50 9.61 -18.40 -13.66
N LEU C 51 10.90 -18.60 -13.84
CA LEU C 51 11.44 -18.63 -15.19
C LEU C 51 11.51 -20.07 -15.70
N PRO C 52 11.03 -20.29 -16.94
CA PRO C 52 11.09 -21.63 -17.48
C PRO C 52 12.49 -22.11 -17.87
N GLU C 53 12.57 -23.39 -18.18
CA GLU C 53 13.79 -23.99 -18.65
C GLU C 53 14.38 -23.15 -19.78
N GLY C 54 15.69 -22.92 -19.70
CA GLY C 54 16.44 -22.21 -20.71
C GLY C 54 17.23 -21.00 -20.19
N GLU C 55 17.60 -20.13 -21.12
CA GLU C 55 18.52 -19.04 -20.84
C GLU C 55 17.79 -17.74 -20.74
N HIS C 56 18.13 -16.93 -19.75
CA HIS C 56 17.45 -15.65 -19.56
C HIS C 56 18.42 -14.55 -19.25
N GLN C 57 18.46 -13.54 -20.12
CA GLN C 57 19.31 -12.37 -19.89
C GLN C 57 18.57 -11.34 -19.07
N TYR C 58 19.31 -10.63 -18.25
CA TYR C 58 18.74 -9.61 -17.39
C TYR C 58 19.75 -8.57 -16.97
N LYS C 59 19.22 -7.47 -16.41
CA LYS C 59 20.07 -6.38 -15.90
C LYS C 59 19.24 -5.62 -14.87
N PHE C 60 19.89 -4.78 -14.07
CA PHE C 60 19.22 -3.95 -13.09
C PHE C 60 19.24 -2.50 -13.52
N PHE C 61 18.24 -1.73 -13.08
CA PHE C 61 18.23 -0.30 -13.27
C PHE C 61 18.26 0.30 -11.86
N VAL C 62 19.39 0.91 -11.50
CA VAL C 62 19.69 1.31 -10.12
C VAL C 62 19.90 2.79 -10.11
N ASP C 63 19.02 3.48 -9.41
CA ASP C 63 19.07 4.97 -9.32
C ASP C 63 19.40 5.63 -10.64
N GLY C 64 18.62 5.25 -11.65
CA GLY C 64 18.69 5.89 -12.94
C GLY C 64 19.71 5.37 -13.90
N GLN C 65 20.43 4.31 -13.49
CA GLN C 65 21.50 3.75 -14.28
C GLN C 65 21.33 2.27 -14.59
N TRP C 66 21.49 1.88 -15.85
CA TRP C 66 21.60 0.45 -16.18
C TRP C 66 22.88 -0.12 -15.62
N THR C 67 22.76 -1.21 -14.88
CA THR C 67 23.90 -1.81 -14.21
C THR C 67 23.78 -3.31 -14.15
N HIS C 68 24.87 -4.04 -14.28
CA HIS C 68 24.84 -5.50 -14.06
C HIS C 68 25.47 -5.84 -12.74
N ASP C 69 25.22 -7.06 -12.30
CA ASP C 69 25.76 -7.57 -11.04
C ASP C 69 27.11 -8.18 -11.36
N PRO C 70 28.20 -7.67 -10.76
CA PRO C 70 29.55 -8.11 -11.14
C PRO C 70 29.89 -9.53 -10.67
N SER C 71 29.14 -10.10 -9.74
CA SER C 71 29.45 -11.46 -9.27
C SER C 71 28.86 -12.52 -10.16
N GLU C 72 27.89 -12.10 -10.99
CA GLU C 72 27.11 -13.03 -11.75
C GLU C 72 27.54 -13.08 -13.22
N PRO C 73 27.28 -14.21 -13.86
CA PRO C 73 27.63 -14.37 -15.26
C PRO C 73 27.11 -13.27 -16.12
N ILE C 74 27.96 -12.84 -17.05
CA ILE C 74 27.58 -11.80 -18.02
C ILE C 74 27.86 -12.24 -19.46
N VAL C 75 27.20 -11.55 -20.39
CA VAL C 75 27.33 -11.79 -21.82
C VAL C 75 27.13 -10.47 -22.52
N THR C 76 27.83 -10.26 -23.63
CA THR C 76 27.60 -9.06 -24.41
C THR C 76 26.47 -9.33 -25.41
N SER C 77 25.48 -8.47 -25.37
CA SER C 77 24.35 -8.57 -26.31
C SER C 77 24.70 -8.09 -27.71
N GLN C 78 23.78 -8.27 -28.65
CA GLN C 78 23.96 -7.78 -30.02
CA GLN C 78 24.01 -7.81 -30.03
C GLN C 78 23.91 -6.28 -30.12
N LEU C 79 23.37 -5.63 -29.09
CA LEU C 79 23.46 -4.18 -28.94
C LEU C 79 24.83 -3.71 -28.41
N GLY C 80 25.70 -4.65 -28.04
CA GLY C 80 27.02 -4.32 -27.51
C GLY C 80 26.98 -3.97 -26.03
N THR C 81 25.87 -4.31 -25.40
CA THR C 81 25.62 -4.01 -23.98
C THR C 81 25.82 -5.26 -23.14
N VAL C 82 26.16 -5.11 -21.87
CA VAL C 82 26.42 -6.28 -21.04
C VAL C 82 25.21 -6.62 -20.18
N ASN C 83 24.79 -7.87 -20.27
CA ASN C 83 23.65 -8.38 -19.48
C ASN C 83 24.15 -9.49 -18.59
N ASN C 84 23.58 -9.57 -17.40
CA ASN C 84 23.65 -10.84 -16.66
C ASN C 84 22.87 -11.93 -17.35
N ILE C 85 23.14 -13.19 -17.01
CA ILE C 85 22.43 -14.29 -17.57
C ILE C 85 22.21 -15.42 -16.54
N ILE C 86 20.98 -15.94 -16.55
CA ILE C 86 20.50 -17.11 -15.76
C ILE C 86 20.33 -18.25 -16.75
N GLN C 87 20.68 -19.46 -16.38
CA GLN C 87 20.29 -20.63 -17.15
C GLN C 87 19.51 -21.57 -16.22
N VAL C 88 18.30 -21.93 -16.61
CA VAL C 88 17.42 -22.82 -15.84
C VAL C 88 17.42 -24.18 -16.54
N LYS C 89 17.76 -25.23 -15.79
CA LYS C 89 17.93 -26.55 -16.38
C LYS C 89 16.65 -27.12 -16.88
N PRO D 12 10.83 3.66 16.91
CA PRO D 12 9.70 3.17 17.70
C PRO D 12 8.94 2.09 16.96
N THR D 13 8.02 1.44 17.67
CA THR D 13 7.34 0.28 17.14
C THR D 13 5.83 0.33 17.29
N VAL D 14 5.11 0.13 16.18
CA VAL D 14 3.68 0.22 16.18
C VAL D 14 3.01 -1.14 16.43
N PHE D 15 2.08 -1.19 17.37
CA PHE D 15 1.33 -2.43 17.64
C PHE D 15 -0.12 -2.15 17.32
N ARG D 16 -0.63 -2.83 16.30
CA ARG D 16 -2.01 -2.67 15.92
C ARG D 16 -2.76 -4.00 15.92
N TRP D 17 -3.81 -4.10 16.74
CA TRP D 17 -4.70 -5.27 16.76
C TRP D 17 -5.83 -5.01 15.79
N THR D 18 -5.92 -5.86 14.78
CA THR D 18 -6.90 -5.72 13.74
C THR D 18 -8.02 -6.75 13.76
N GLY D 19 -7.95 -7.69 14.71
CA GLY D 19 -8.92 -8.78 14.80
C GLY D 19 -10.26 -8.53 15.46
N GLY D 20 -10.56 -7.28 15.83
CA GLY D 20 -11.84 -6.94 16.42
C GLY D 20 -11.90 -7.29 17.90
N GLY D 21 -13.01 -6.93 18.54
CA GLY D 21 -13.17 -7.13 19.97
C GLY D 21 -13.64 -5.84 20.62
N LYS D 22 -14.02 -5.94 21.88
CA LYS D 22 -14.51 -4.80 22.66
C LYS D 22 -13.43 -4.22 23.57
N GLU D 23 -12.56 -5.06 24.15
CA GLU D 23 -11.51 -4.58 25.06
C GLU D 23 -10.20 -5.36 24.82
N VAL D 24 -9.12 -4.68 24.45
CA VAL D 24 -7.84 -5.34 24.08
C VAL D 24 -6.75 -4.72 24.91
N TYR D 25 -5.86 -5.54 25.43
CA TYR D 25 -4.64 -5.11 26.08
C TYR D 25 -3.45 -5.75 25.39
N LEU D 26 -2.30 -5.09 25.50
CA LEU D 26 -1.04 -5.63 25.03
C LEU D 26 -0.17 -5.98 26.20
N SER D 27 0.54 -7.10 26.07
CA SER D 27 1.37 -7.58 27.12
C SER D 27 2.64 -8.14 26.50
N GLY D 28 3.76 -8.08 27.20
CA GLY D 28 4.98 -8.64 26.69
C GLY D 28 6.07 -8.58 27.72
N SER D 29 7.25 -9.05 27.36
CA SER D 29 8.39 -8.95 28.29
C SER D 29 8.68 -7.48 28.63
N PHE D 30 8.44 -6.60 27.65
CA PHE D 30 8.67 -5.17 27.85
C PHE D 30 7.90 -4.54 29.04
N ASN D 31 6.75 -5.09 29.44
CA ASN D 31 6.01 -4.55 30.60
C ASN D 31 5.74 -5.59 31.70
N ASN D 32 6.63 -6.59 31.79
CA ASN D 32 6.52 -7.68 32.78
C ASN D 32 5.26 -8.50 32.62
N TRP D 33 4.82 -8.67 31.38
CA TRP D 33 3.59 -9.36 31.09
C TRP D 33 2.37 -8.82 31.87
N SER D 34 2.37 -7.50 32.07
CA SER D 34 1.21 -6.77 32.59
C SER D 34 0.34 -6.42 31.42
N LYS D 35 -0.84 -5.86 31.70
CA LYS D 35 -1.82 -5.59 30.67
C LYS D 35 -1.95 -4.11 30.37
N LEU D 36 -1.48 -3.71 29.19
CA LEU D 36 -1.58 -2.34 28.77
C LEU D 36 -2.84 -2.15 27.93
N PRO D 37 -3.79 -1.32 28.39
CA PRO D 37 -4.99 -1.11 27.59
C PRO D 37 -4.64 -0.50 26.25
N LEU D 38 -5.26 -1.01 25.19
CA LEU D 38 -5.07 -0.42 23.87
C LEU D 38 -6.27 0.49 23.64
N THR D 39 -6.03 1.58 22.94
CA THR D 39 -7.10 2.55 22.70
C THR D 39 -7.61 2.37 21.29
N ARG D 40 -8.92 2.49 21.15
CA ARG D 40 -9.57 2.36 19.87
C ARG D 40 -9.14 3.45 18.94
N SER D 41 -8.68 3.05 17.77
CA SER D 41 -8.46 3.99 16.70
C SER D 41 -9.08 3.40 15.45
N GLN D 42 -10.24 3.94 15.07
CA GLN D 42 -11.04 3.42 13.98
C GLN D 42 -11.43 1.94 14.23
N ASN D 43 -11.23 1.07 13.26
CA ASN D 43 -11.58 -0.34 13.44
C ASN D 43 -10.56 -1.13 14.28
N ASN D 44 -9.53 -0.47 14.77
CA ASN D 44 -8.42 -1.16 15.42
C ASN D 44 -8.18 -0.68 16.84
N PHE D 45 -7.35 -1.43 17.55
CA PHE D 45 -6.85 -1.05 18.85
C PHE D 45 -5.35 -0.91 18.68
N VAL D 46 -4.79 0.18 19.20
CA VAL D 46 -3.41 0.53 18.91
C VAL D 46 -2.74 1.07 20.17
N ALA D 47 -1.44 0.84 20.23
CA ALA D 47 -0.55 1.51 21.16
C ALA D 47 0.73 1.58 20.39
N ILE D 48 1.57 2.55 20.73
CA ILE D 48 2.83 2.72 20.06
C ILE D 48 3.86 2.75 21.17
N LEU D 49 4.69 1.74 21.20
CA LEU D 49 5.57 1.58 22.33
C LEU D 49 6.94 2.05 21.96
N ASP D 50 7.51 2.80 22.88
CA ASP D 50 8.86 3.26 22.77
C ASP D 50 9.68 2.12 23.35
N LEU D 51 10.19 1.27 22.46
CA LEU D 51 10.95 0.05 22.83
C LEU D 51 12.39 0.08 22.27
N PRO D 52 13.33 -0.64 22.94
CA PRO D 52 14.72 -0.78 22.44
C PRO D 52 14.87 -1.76 21.29
N GLU D 53 16.05 -1.78 20.67
CA GLU D 53 16.32 -2.66 19.51
C GLU D 53 16.45 -4.11 19.96
N GLY D 54 16.04 -5.03 19.09
CA GLY D 54 16.12 -6.47 19.37
C GLY D 54 14.78 -7.19 19.19
N GLU D 55 14.80 -8.51 19.43
CA GLU D 55 13.58 -9.36 19.41
C GLU D 55 12.78 -9.11 20.68
N HIS D 56 11.46 -8.97 20.53
CA HIS D 56 10.56 -8.81 21.69
C HIS D 56 9.32 -9.68 21.53
N GLN D 57 9.05 -10.49 22.54
CA GLN D 57 7.83 -11.31 22.63
C GLN D 57 6.69 -10.53 23.22
N TYR D 58 5.52 -10.77 22.67
CA TYR D 58 4.31 -10.10 23.10
C TYR D 58 3.10 -10.93 22.78
N LYS D 59 1.97 -10.55 23.38
CA LYS D 59 0.72 -11.22 23.12
C LYS D 59 -0.41 -10.25 23.46
N PHE D 60 -1.59 -10.51 22.92
CA PHE D 60 -2.75 -9.66 23.23
C PHE D 60 -3.70 -10.34 24.19
N PHE D 61 -4.47 -9.54 24.95
CA PHE D 61 -5.52 -10.04 25.80
C PHE D 61 -6.77 -9.38 25.28
N VAL D 62 -7.62 -10.20 24.66
CA VAL D 62 -8.74 -9.71 23.84
C VAL D 62 -10.01 -10.24 24.46
N ASP D 63 -10.85 -9.34 24.95
CA ASP D 63 -12.10 -9.75 25.62
C ASP D 63 -11.92 -10.94 26.53
N GLY D 64 -10.87 -10.91 27.35
CA GLY D 64 -10.66 -11.94 28.39
C GLY D 64 -9.86 -13.15 27.97
N GLN D 65 -9.37 -13.15 26.73
CA GLN D 65 -8.67 -14.31 26.15
C GLN D 65 -7.29 -13.89 25.63
N TRP D 66 -6.27 -14.57 26.13
CA TRP D 66 -4.97 -14.47 25.53
C TRP D 66 -4.97 -14.94 24.07
N THR D 67 -4.46 -14.10 23.18
CA THR D 67 -4.63 -14.28 21.75
C THR D 67 -3.38 -13.78 21.04
N HIS D 68 -2.82 -14.56 20.09
CA HIS D 68 -1.75 -14.04 19.27
C HIS D 68 -2.33 -13.48 17.99
N ASP D 69 -1.59 -12.57 17.39
CA ASP D 69 -1.92 -12.08 16.05
C ASP D 69 -1.51 -13.11 14.98
N PRO D 70 -2.49 -13.71 14.29
CA PRO D 70 -2.18 -14.79 13.34
C PRO D 70 -1.39 -14.33 12.13
N SER D 71 -1.35 -13.01 11.87
CA SER D 71 -0.59 -12.49 10.78
C SER D 71 0.86 -12.12 11.07
N GLU D 72 1.34 -12.32 12.31
CA GLU D 72 2.69 -11.92 12.67
C GLU D 72 3.40 -13.16 13.20
N PRO D 73 4.72 -13.13 13.20
CA PRO D 73 5.49 -14.29 13.63
C PRO D 73 5.21 -14.72 15.04
N ILE D 74 5.40 -16.01 15.30
CA ILE D 74 5.19 -16.61 16.57
C ILE D 74 6.31 -17.53 16.99
N VAL D 75 6.45 -17.62 18.32
CA VAL D 75 7.38 -18.50 19.01
C VAL D 75 6.68 -19.15 20.18
N THR D 76 7.27 -20.23 20.69
CA THR D 76 6.88 -20.72 21.98
C THR D 76 7.85 -20.18 23.06
N SER D 77 7.28 -19.82 24.21
CA SER D 77 8.07 -19.39 25.36
C SER D 77 8.53 -20.62 26.15
N GLN D 78 9.37 -20.39 27.16
CA GLN D 78 9.85 -21.48 28.05
C GLN D 78 8.74 -21.95 29.00
N LEU D 79 7.61 -21.25 29.04
CA LEU D 79 6.42 -21.77 29.68
C LEU D 79 5.60 -22.68 28.78
N GLY D 80 5.93 -22.74 27.49
CA GLY D 80 5.18 -23.57 26.55
C GLY D 80 4.04 -22.82 25.88
N THR D 81 3.94 -21.51 26.12
CA THR D 81 2.86 -20.73 25.57
C THR D 81 3.29 -20.14 24.23
N VAL D 82 2.34 -19.67 23.44
CA VAL D 82 2.62 -19.14 22.11
C VAL D 82 2.53 -17.62 22.17
N ASN D 83 3.62 -16.96 21.80
CA ASN D 83 3.69 -15.50 21.73
C ASN D 83 3.99 -15.03 20.33
N ASN D 84 3.54 -13.83 20.01
CA ASN D 84 4.07 -13.22 18.83
C ASN D 84 5.49 -12.74 19.15
N ILE D 85 6.25 -12.48 18.10
CA ILE D 85 7.59 -11.90 18.25
C ILE D 85 7.82 -10.83 17.21
N ILE D 86 8.47 -9.74 17.62
CA ILE D 86 8.83 -8.68 16.69
C ILE D 86 10.36 -8.50 16.80
N GLN D 87 11.07 -8.83 15.71
CA GLN D 87 12.53 -8.62 15.61
C GLN D 87 12.75 -7.21 15.09
N VAL D 88 12.67 -6.25 15.99
CA VAL D 88 12.57 -4.85 15.60
C VAL D 88 13.00 -3.90 16.71
N SER E 5 -35.88 -1.32 0.50
CA SER E 5 -35.52 -1.84 -0.84
C SER E 5 -34.93 -3.22 -0.63
N PRO E 6 -35.35 -4.22 -1.44
CA PRO E 6 -34.91 -5.61 -1.27
C PRO E 6 -33.44 -5.77 -0.88
N ASN E 7 -32.55 -5.12 -1.62
CA ASN E 7 -31.08 -5.25 -1.39
C ASN E 7 -30.66 -4.74 -0.01
N SER E 8 -31.41 -3.79 0.56
CA SER E 8 -31.15 -3.34 1.95
C SER E 8 -31.63 -4.35 3.03
N GLN E 9 -32.45 -5.32 2.62
CA GLN E 9 -32.89 -6.41 3.52
C GLN E 9 -31.94 -7.63 3.44
N ALA E 10 -30.90 -7.56 2.61
CA ALA E 10 -29.85 -8.59 2.60
C ALA E 10 -29.09 -8.56 3.90
N ARG E 11 -28.70 -9.72 4.40
CA ARG E 11 -28.15 -9.82 5.73
C ARG E 11 -26.72 -10.33 5.64
N PRO E 12 -25.79 -9.73 6.43
CA PRO E 12 -24.41 -10.17 6.32
C PRO E 12 -24.28 -11.60 6.86
N THR E 13 -23.76 -12.46 6.01
CA THR E 13 -23.68 -13.87 6.32
C THR E 13 -22.24 -14.32 6.25
N VAL E 14 -21.75 -14.96 7.30
CA VAL E 14 -20.32 -15.26 7.38
C VAL E 14 -20.07 -16.71 6.89
N PHE E 15 -19.15 -16.83 5.93
CA PHE E 15 -18.70 -18.08 5.38
C PHE E 15 -17.28 -18.26 5.83
N ARG E 16 -17.09 -19.16 6.79
CA ARG E 16 -15.79 -19.41 7.42
C ARG E 16 -15.39 -20.83 7.17
N TRP E 17 -14.26 -20.99 6.50
CA TRP E 17 -13.68 -22.28 6.17
C TRP E 17 -12.51 -22.47 7.13
N THR E 18 -12.56 -23.52 7.91
CA THR E 18 -11.47 -23.83 8.87
C THR E 18 -10.50 -24.89 8.40
N GLY E 19 -10.71 -25.48 7.22
CA GLY E 19 -9.87 -26.61 6.80
C GLY E 19 -8.51 -26.25 6.26
N GLY E 20 -8.25 -24.96 6.07
CA GLY E 20 -6.95 -24.51 5.55
C GLY E 20 -6.77 -24.73 4.06
N GLY E 21 -5.55 -24.49 3.60
CA GLY E 21 -5.24 -24.54 2.19
C GLY E 21 -4.46 -23.31 1.75
N LYS E 22 -4.07 -23.31 0.50
CA LYS E 22 -3.35 -22.16 -0.10
C LYS E 22 -4.33 -21.18 -0.73
N GLU E 23 -5.23 -21.71 -1.56
CA GLU E 23 -6.23 -20.90 -2.23
C GLU E 23 -7.62 -21.50 -2.02
N VAL E 24 -8.55 -20.67 -1.56
CA VAL E 24 -9.88 -21.10 -1.22
C VAL E 24 -10.87 -20.15 -1.91
N TYR E 25 -11.87 -20.74 -2.56
CA TYR E 25 -12.95 -20.01 -3.18
C TYR E 25 -14.29 -20.48 -2.68
N LEU E 26 -15.27 -19.57 -2.71
CA LEU E 26 -16.65 -19.87 -2.33
C LEU E 26 -17.50 -19.78 -3.57
N SER E 27 -18.35 -20.80 -3.75
CA SER E 27 -19.21 -20.91 -4.91
C SER E 27 -20.61 -21.20 -4.43
N GLY E 28 -21.63 -20.65 -5.09
CA GLY E 28 -22.95 -20.99 -4.70
C GLY E 28 -24.03 -20.47 -5.60
N SER E 29 -25.28 -20.72 -5.23
CA SER E 29 -26.38 -20.27 -6.04
C SER E 29 -26.33 -18.76 -6.11
N PHE E 30 -25.87 -18.14 -5.04
CA PHE E 30 -25.82 -16.66 -4.98
C PHE E 30 -24.82 -16.00 -5.97
N ASN E 31 -23.87 -16.74 -6.54
CA ASN E 31 -22.91 -16.18 -7.54
C ASN E 31 -22.83 -17.03 -8.82
N ASN E 32 -23.94 -17.69 -9.18
CA ASN E 32 -24.02 -18.59 -10.32
C ASN E 32 -22.93 -19.64 -10.37
N TRP E 33 -22.58 -20.14 -9.18
CA TRP E 33 -21.60 -21.19 -9.02
C TRP E 33 -20.25 -20.82 -9.64
N SER E 34 -19.90 -19.54 -9.47
CA SER E 34 -18.59 -19.01 -9.84
C SER E 34 -17.63 -19.15 -8.66
N LYS E 35 -16.41 -18.63 -8.76
CA LYS E 35 -15.45 -18.83 -7.71
C LYS E 35 -15.02 -17.52 -7.09
N LEU E 36 -15.55 -17.22 -5.91
CA LEU E 36 -15.19 -15.99 -5.21
C LEU E 36 -13.97 -16.26 -4.31
N PRO E 37 -12.84 -15.59 -4.57
CA PRO E 37 -11.70 -15.87 -3.68
C PRO E 37 -11.93 -15.43 -2.26
N LEU E 38 -11.52 -16.27 -1.32
CA LEU E 38 -11.50 -15.90 0.09
C LEU E 38 -10.09 -15.52 0.54
N THR E 39 -10.02 -14.58 1.45
CA THR E 39 -8.74 -14.23 2.09
C THR E 39 -8.71 -14.81 3.49
N ARG E 40 -7.51 -15.15 3.96
CA ARG E 40 -7.32 -15.58 5.34
C ARG E 40 -6.59 -14.44 6.05
N SER E 41 -7.34 -13.43 6.44
CA SER E 41 -6.67 -12.27 7.02
C SER E 41 -6.45 -12.45 8.50
N GLN E 42 -7.22 -13.33 9.11
CA GLN E 42 -7.07 -13.65 10.53
C GLN E 42 -6.76 -15.14 10.68
N ASN E 43 -7.57 -15.89 11.39
CA ASN E 43 -7.30 -17.31 11.65
C ASN E 43 -7.80 -18.27 10.57
N ASN E 44 -8.84 -17.88 9.84
CA ASN E 44 -9.49 -18.74 8.86
C ASN E 44 -9.71 -18.00 7.55
N PHE E 45 -9.99 -18.76 6.50
CA PHE E 45 -10.50 -18.19 5.25
C PHE E 45 -11.96 -17.78 5.49
N VAL E 46 -12.30 -16.51 5.30
CA VAL E 46 -13.63 -16.03 5.64
C VAL E 46 -14.07 -15.04 4.56
N ALA E 47 -15.31 -15.15 4.12
CA ALA E 47 -15.97 -14.06 3.35
C ALA E 47 -17.28 -13.74 4.02
N ILE E 48 -17.65 -12.46 4.03
CA ILE E 48 -18.97 -12.07 4.49
C ILE E 48 -19.77 -11.62 3.30
N LEU E 49 -20.89 -12.29 3.05
CA LEU E 49 -21.72 -12.02 1.89
C LEU E 49 -23.04 -11.51 2.42
N ASP E 50 -23.57 -10.49 1.78
CA ASP E 50 -24.87 -9.96 2.14
C ASP E 50 -25.91 -10.67 1.30
N LEU E 51 -26.72 -11.52 1.93
CA LEU E 51 -27.64 -12.42 1.23
C LEU E 51 -29.08 -12.23 1.71
N PRO E 52 -30.04 -12.48 0.82
CA PRO E 52 -31.44 -12.42 1.23
C PRO E 52 -31.76 -13.50 2.22
N GLU E 53 -32.80 -13.26 3.00
CA GLU E 53 -33.34 -14.26 3.89
C GLU E 53 -33.70 -15.49 3.10
N GLY E 54 -33.46 -16.65 3.66
CA GLY E 54 -33.83 -17.90 3.00
C GLY E 54 -32.72 -18.90 3.02
N GLU E 55 -32.88 -19.92 2.19
CA GLU E 55 -31.95 -21.04 2.08
CA GLU E 55 -31.91 -20.99 2.14
C GLU E 55 -30.99 -20.76 0.94
N HIS E 56 -29.72 -21.13 1.08
CA HIS E 56 -28.73 -20.95 -0.01
C HIS E 56 -27.82 -22.14 -0.04
N GLN E 57 -27.66 -22.74 -1.21
CA GLN E 57 -26.65 -23.79 -1.40
C GLN E 57 -25.29 -23.21 -1.80
N TYR E 58 -24.23 -23.87 -1.36
CA TYR E 58 -22.87 -23.43 -1.62
C TYR E 58 -21.89 -24.55 -1.43
N LYS E 59 -20.67 -24.30 -1.89
CA LYS E 59 -19.54 -25.15 -1.53
C LYS E 59 -18.24 -24.41 -1.79
N PHE E 60 -17.14 -25.07 -1.57
CA PHE E 60 -15.83 -24.43 -1.68
C PHE E 60 -15.04 -25.08 -2.78
N PHE E 61 -14.09 -24.34 -3.32
CA PHE E 61 -13.11 -24.87 -4.26
C PHE E 61 -11.76 -24.54 -3.64
N VAL E 62 -11.01 -25.57 -3.27
CA VAL E 62 -9.83 -25.42 -2.45
C VAL E 62 -8.66 -26.10 -3.13
N ASP E 63 -7.63 -25.34 -3.46
CA ASP E 63 -6.42 -25.87 -4.13
C ASP E 63 -6.78 -26.85 -5.25
N GLY E 64 -7.64 -26.38 -6.15
CA GLY E 64 -7.96 -27.13 -7.37
C GLY E 64 -9.06 -28.17 -7.25
N GLN E 65 -9.68 -28.31 -6.08
CA GLN E 65 -10.67 -29.37 -5.85
C GLN E 65 -11.97 -28.83 -5.28
N TRP E 66 -13.10 -29.26 -5.87
CA TRP E 66 -14.40 -28.96 -5.27
C TRP E 66 -14.49 -29.73 -3.98
N THR E 67 -14.97 -29.07 -2.93
CA THR E 67 -15.19 -29.71 -1.64
C THR E 67 -16.28 -29.06 -0.81
N HIS E 68 -17.07 -29.84 -0.14
CA HIS E 68 -18.01 -29.23 0.77
C HIS E 68 -17.34 -29.23 2.13
N ASP E 69 -17.84 -28.41 3.02
CA ASP E 69 -17.34 -28.39 4.40
C ASP E 69 -18.13 -29.49 5.16
N PRO E 70 -17.43 -30.53 5.63
CA PRO E 70 -18.06 -31.61 6.32
C PRO E 70 -18.57 -31.28 7.73
N SER E 71 -18.23 -30.11 8.26
CA SER E 71 -18.75 -29.65 9.53
C SER E 71 -20.03 -28.84 9.41
N GLU E 72 -20.52 -28.61 8.19
CA GLU E 72 -21.75 -27.83 7.99
C GLU E 72 -22.78 -28.70 7.30
N PRO E 73 -24.06 -28.33 7.42
CA PRO E 73 -25.13 -29.14 6.80
C PRO E 73 -24.98 -29.27 5.31
N ILE E 74 -25.41 -30.43 4.81
CA ILE E 74 -25.33 -30.74 3.41
C ILE E 74 -26.65 -31.14 2.81
N VAL E 75 -26.71 -30.97 1.50
CA VAL E 75 -27.83 -31.38 0.68
C VAL E 75 -27.30 -31.86 -0.69
N THR E 76 -28.01 -32.81 -1.29
CA THR E 76 -27.71 -33.24 -2.64
C THR E 76 -28.45 -32.35 -3.63
N SER E 77 -27.74 -31.84 -4.61
CA SER E 77 -28.36 -30.99 -5.65
C SER E 77 -29.12 -31.83 -6.65
N GLN E 78 -29.85 -31.15 -7.55
CA GLN E 78 -30.55 -31.84 -8.61
C GLN E 78 -29.57 -32.55 -9.54
N LEU E 79 -28.33 -32.05 -9.58
CA LEU E 79 -27.25 -32.65 -10.34
C LEU E 79 -26.65 -33.88 -9.66
N GLY E 80 -27.07 -34.24 -8.44
CA GLY E 80 -26.39 -35.31 -7.70
C GLY E 80 -25.14 -34.91 -6.96
N THR E 81 -24.85 -33.61 -6.87
CA THR E 81 -23.61 -33.16 -6.27
C THR E 81 -23.90 -32.81 -4.78
N VAL E 82 -22.89 -32.89 -3.96
CA VAL E 82 -23.02 -32.55 -2.53
C VAL E 82 -22.68 -31.09 -2.27
N ASN E 83 -23.70 -30.35 -1.82
CA ASN E 83 -23.51 -28.93 -1.45
C ASN E 83 -23.69 -28.73 0.02
N ASN E 84 -23.07 -27.70 0.56
CA ASN E 84 -23.51 -27.18 1.83
C ASN E 84 -24.78 -26.36 1.70
N ILE E 85 -25.53 -26.25 2.78
CA ILE E 85 -26.70 -25.41 2.81
C ILE E 85 -26.77 -24.57 4.07
N ILE E 86 -27.09 -23.30 3.90
CA ILE E 86 -27.19 -22.34 4.99
C ILE E 86 -28.55 -21.70 4.96
N GLN E 87 -29.10 -21.49 6.16
CA GLN E 87 -30.37 -20.80 6.30
C GLN E 87 -30.06 -19.40 6.84
N VAL E 88 -30.41 -18.37 6.08
CA VAL E 88 -30.24 -16.98 6.49
C VAL E 88 -31.57 -16.52 7.08
N LYS E 89 -31.59 -16.24 8.38
CA LYS E 89 -32.87 -15.90 9.04
C LYS E 89 -33.21 -14.48 8.70
N PRO F 12 27.02 2.21 -48.79
CA PRO F 12 25.70 1.65 -48.54
C PRO F 12 25.03 2.27 -47.33
N THR F 13 23.70 2.39 -47.38
CA THR F 13 22.93 2.92 -46.26
C THR F 13 22.07 1.83 -45.60
N VAL F 14 22.13 1.75 -44.28
CA VAL F 14 21.33 0.82 -43.52
C VAL F 14 20.01 1.47 -43.11
N PHE F 15 18.88 0.80 -43.34
CA PHE F 15 17.57 1.33 -42.92
C PHE F 15 17.00 0.36 -41.92
N ARG F 16 16.91 0.81 -40.67
CA ARG F 16 16.35 0.00 -39.62
C ARG F 16 15.12 0.63 -38.97
N TRP F 17 13.98 -0.05 -39.05
CA TRP F 17 12.75 0.40 -38.37
C TRP F 17 12.71 -0.26 -37.01
N THR F 18 12.77 0.56 -35.97
CA THR F 18 12.81 0.09 -34.59
C THR F 18 11.51 0.28 -33.82
N GLY F 19 10.54 0.89 -34.47
CA GLY F 19 9.27 1.21 -33.84
C GLY F 19 8.24 0.12 -33.66
N GLY F 20 8.56 -1.12 -34.03
CA GLY F 20 7.60 -2.21 -33.87
C GLY F 20 6.56 -2.26 -34.96
N GLY F 21 5.75 -3.32 -34.95
CA GLY F 21 4.73 -3.51 -35.97
C GLY F 21 4.82 -4.92 -36.52
N LYS F 22 3.82 -5.30 -37.30
CA LYS F 22 3.74 -6.63 -37.92
C LYS F 22 4.26 -6.64 -39.36
N GLU F 23 3.97 -5.59 -40.15
CA GLU F 23 4.42 -5.53 -41.55
C GLU F 23 4.90 -4.11 -41.90
N VAL F 24 6.16 -3.99 -42.34
CA VAL F 24 6.80 -2.69 -42.63
C VAL F 24 7.42 -2.71 -44.02
N TYR F 25 7.18 -1.65 -44.78
CA TYR F 25 7.82 -1.42 -46.04
C TYR F 25 8.59 -0.10 -45.99
N LEU F 26 9.61 0.00 -46.83
CA LEU F 26 10.35 1.21 -47.04
C LEU F 26 10.02 1.79 -48.38
N SER F 27 9.83 3.10 -48.43
CA SER F 27 9.54 3.77 -49.67
C SER F 27 10.36 5.04 -49.75
N GLY F 28 10.73 5.46 -50.96
CA GLY F 28 11.44 6.71 -51.12
C GLY F 28 11.57 7.08 -52.57
N SER F 29 12.22 8.20 -52.81
CA SER F 29 12.55 8.60 -54.18
C SER F 29 13.28 7.44 -54.87
N PHE F 30 14.16 6.79 -54.12
CA PHE F 30 15.04 5.77 -54.70
C PHE F 30 14.27 4.60 -55.37
N ASN F 31 13.03 4.34 -54.98
CA ASN F 31 12.27 3.26 -55.61
C ASN F 31 10.92 3.71 -56.18
N ASN F 32 10.87 4.98 -56.56
CA ASN F 32 9.67 5.63 -57.09
C ASN F 32 8.48 5.60 -56.14
N TRP F 33 8.76 5.77 -54.85
CA TRP F 33 7.76 5.65 -53.81
C TRP F 33 6.88 4.39 -53.90
N SER F 34 7.53 3.28 -54.25
CA SER F 34 6.94 1.95 -54.20
C SER F 34 7.26 1.38 -52.84
N LYS F 35 6.72 0.21 -52.51
CA LYS F 35 6.82 -0.34 -51.18
C LYS F 35 7.74 -1.53 -51.14
N LEU F 36 8.89 -1.37 -50.50
CA LEU F 36 9.83 -2.45 -50.39
C LEU F 36 9.62 -3.15 -49.05
N PRO F 37 9.19 -4.42 -49.07
CA PRO F 37 8.96 -5.11 -47.81
C PRO F 37 10.26 -5.20 -47.03
N LEU F 38 10.20 -4.90 -45.74
CA LEU F 38 11.40 -5.03 -44.90
C LEU F 38 11.31 -6.39 -44.24
N THR F 39 12.46 -6.99 -44.00
CA THR F 39 12.51 -8.31 -43.44
C THR F 39 12.85 -8.21 -41.97
N ARG F 40 12.16 -9.00 -41.15
CA ARG F 40 12.36 -8.92 -39.74
C ARG F 40 13.71 -9.47 -39.37
N SER F 41 14.43 -8.69 -38.58
CA SER F 41 15.66 -9.14 -37.97
C SER F 41 15.64 -8.75 -36.50
N GLN F 42 15.48 -9.76 -35.64
CA GLN F 42 15.24 -9.55 -34.21
C GLN F 42 13.97 -8.68 -33.98
N ASN F 43 14.09 -7.66 -33.15
CA ASN F 43 12.99 -6.78 -32.81
C ASN F 43 12.73 -5.71 -33.88
N ASN F 44 13.48 -5.75 -34.99
CA ASN F 44 13.48 -4.69 -35.99
C ASN F 44 13.15 -5.20 -37.36
N PHE F 45 12.88 -4.25 -38.26
CA PHE F 45 12.71 -4.55 -39.66
C PHE F 45 13.80 -3.80 -40.38
N VAL F 46 14.51 -4.48 -41.29
CA VAL F 46 15.69 -3.90 -41.89
C VAL F 46 15.73 -4.19 -43.40
N ALA F 47 16.32 -3.22 -44.10
CA ALA F 47 16.81 -3.43 -45.44
C ALA F 47 18.07 -2.61 -45.58
N ILE F 48 18.95 -3.05 -46.44
CA ILE F 48 20.18 -2.34 -46.67
C ILE F 48 20.13 -2.03 -48.17
N LEU F 49 20.19 -0.75 -48.48
CA LEU F 49 19.99 -0.29 -49.83
C LEU F 49 21.28 0.19 -50.39
N ASP F 50 21.55 -0.25 -51.61
CA ASP F 50 22.71 0.17 -52.34
C ASP F 50 22.26 1.42 -53.04
N LEU F 51 22.56 2.57 -52.42
CA LEU F 51 22.14 3.90 -52.90
C LEU F 51 23.36 4.76 -53.21
N PRO F 52 23.20 5.76 -54.12
CA PRO F 52 24.24 6.75 -54.42
C PRO F 52 24.43 7.82 -53.34
N GLU F 53 25.41 8.71 -53.54
CA GLU F 53 25.69 9.81 -52.59
C GLU F 53 24.70 10.96 -52.77
N GLY F 54 24.44 11.67 -51.68
CA GLY F 54 23.50 12.80 -51.66
C GLY F 54 22.39 12.64 -50.61
N GLU F 55 21.48 13.62 -50.58
CA GLU F 55 20.29 13.57 -49.71
C GLU F 55 19.25 12.67 -50.36
N HIS F 56 18.59 11.81 -49.57
CA HIS F 56 17.48 10.96 -50.06
C HIS F 56 16.30 11.00 -49.09
N GLN F 57 15.11 11.30 -49.61
CA GLN F 57 13.89 11.27 -48.83
C GLN F 57 13.29 9.89 -48.84
N TYR F 58 12.74 9.51 -47.69
CA TYR F 58 12.14 8.20 -47.53
C TYR F 58 11.09 8.23 -46.44
N LYS F 59 10.29 7.16 -46.38
CA LYS F 59 9.26 7.04 -45.36
C LYS F 59 8.93 5.57 -45.22
N PHE F 60 8.35 5.19 -44.08
CA PHE F 60 7.97 3.78 -43.84
C PHE F 60 6.46 3.63 -43.98
N PHE F 61 6.01 2.43 -44.35
CA PHE F 61 4.61 2.08 -44.39
C PHE F 61 4.51 0.94 -43.41
N VAL F 62 3.88 1.23 -42.27
CA VAL F 62 3.89 0.34 -41.09
C VAL F 62 2.48 -0.10 -40.79
N ASP F 63 2.20 -1.39 -40.93
CA ASP F 63 0.83 -1.89 -40.69
C ASP F 63 -0.24 -0.99 -41.31
N GLY F 64 -0.03 -0.61 -42.56
CA GLY F 64 -1.05 0.14 -43.32
C GLY F 64 -1.02 1.65 -43.19
N GLN F 65 -0.04 2.17 -42.43
CA GLN F 65 0.06 3.62 -42.14
C GLN F 65 1.44 4.17 -42.53
N TRP F 66 1.40 5.24 -43.30
CA TRP F 66 2.62 6.01 -43.59
C TRP F 66 3.15 6.66 -42.33
N THR F 67 4.41 6.39 -42.02
CA THR F 67 4.99 6.70 -40.72
C THR F 67 6.44 7.17 -40.94
N HIS F 68 6.86 8.27 -40.31
CA HIS F 68 8.27 8.65 -40.33
C HIS F 68 8.90 8.11 -39.06
N ASP F 69 10.21 7.91 -39.13
CA ASP F 69 11.02 7.59 -37.95
C ASP F 69 11.28 8.85 -37.14
N PRO F 70 10.72 8.92 -35.91
CA PRO F 70 10.83 10.12 -35.10
C PRO F 70 12.24 10.42 -34.63
N SER F 71 13.15 9.44 -34.72
CA SER F 71 14.51 9.66 -34.33
C SER F 71 15.44 10.14 -35.43
N GLU F 72 14.92 10.35 -36.66
CA GLU F 72 15.77 10.73 -37.77
C GLU F 72 15.26 12.03 -38.37
N PRO F 73 16.14 12.73 -39.06
CA PRO F 73 15.72 14.04 -39.62
C PRO F 73 14.51 13.96 -40.54
N ILE F 74 13.77 15.06 -40.58
CA ILE F 74 12.59 15.15 -41.41
C ILE F 74 12.51 16.46 -42.19
N VAL F 75 11.83 16.36 -43.33
CA VAL F 75 11.51 17.46 -44.25
C VAL F 75 10.06 17.33 -44.70
N THR F 76 9.55 18.45 -45.22
CA THR F 76 8.31 18.46 -45.97
C THR F 76 8.62 18.34 -47.47
N SER F 77 7.85 17.50 -48.17
CA SER F 77 7.95 17.36 -49.62
C SER F 77 7.12 18.45 -50.32
N GLN F 78 7.22 18.50 -51.64
CA GLN F 78 6.47 19.51 -52.44
C GLN F 78 4.99 19.11 -52.47
N LEU F 79 4.68 17.87 -52.06
CA LEU F 79 3.27 17.48 -51.82
C LEU F 79 2.74 17.93 -50.47
N GLY F 80 3.60 18.43 -49.59
CA GLY F 80 3.17 18.83 -48.24
C GLY F 80 3.27 17.71 -47.21
N THR F 81 3.83 16.57 -47.59
CA THR F 81 3.90 15.42 -46.71
C THR F 81 5.24 15.43 -45.97
N VAL F 82 5.34 14.70 -44.87
CA VAL F 82 6.55 14.71 -44.05
C VAL F 82 7.30 13.41 -44.35
N ASN F 83 8.53 13.55 -44.78
CA ASN F 83 9.43 12.43 -45.03
C ASN F 83 10.64 12.49 -44.14
N ASN F 84 11.24 11.34 -43.85
CA ASN F 84 12.58 11.36 -43.34
C ASN F 84 13.54 11.72 -44.47
N ILE F 85 14.74 12.14 -44.09
CA ILE F 85 15.79 12.43 -45.04
C ILE F 85 17.10 11.92 -44.49
N ILE F 86 17.91 11.36 -45.38
CA ILE F 86 19.23 10.85 -45.03
C ILE F 86 20.24 11.51 -46.00
N GLN F 87 21.07 12.40 -45.44
CA GLN F 87 22.19 13.05 -46.16
C GLN F 87 23.35 12.08 -46.15
N VAL F 88 23.35 11.16 -47.10
CA VAL F 88 24.23 10.01 -47.03
C VAL F 88 24.38 9.30 -48.37
N PRO G 12 15.21 23.02 19.27
N PRO G 12 21.90 14.72 29.99
CA PRO G 12 13.84 23.36 19.65
CA PRO G 12 20.91 13.67 30.23
C PRO G 12 12.87 22.23 19.31
C PRO G 12 19.90 14.09 31.30
N THR G 13 12.06 21.82 20.28
N THR G 13 18.68 13.60 31.14
CA THR G 13 11.10 20.76 20.07
CA THR G 13 17.57 14.03 31.96
C THR G 13 9.68 21.32 20.00
C THR G 13 16.93 12.85 32.67
N VAL G 14 8.95 20.95 18.95
N VAL G 14 16.77 12.97 33.98
CA VAL G 14 7.56 21.33 18.80
CA VAL G 14 16.17 11.93 34.80
C VAL G 14 6.64 20.25 19.38
C VAL G 14 14.68 12.19 35.00
N PHE G 15 5.76 20.66 20.29
N PHE G 15 13.88 11.18 34.70
CA PHE G 15 4.74 19.77 20.82
CA PHE G 15 12.47 11.22 35.01
C PHE G 15 3.40 20.17 20.25
C PHE G 15 12.20 10.24 36.13
N ARG G 16 2.76 19.25 19.55
N ARG G 16 11.67 10.76 37.23
CA ARG G 16 1.49 19.54 18.91
CA ARG G 16 11.41 9.93 38.39
C ARG G 16 0.43 18.53 19.29
C ARG G 16 9.98 10.10 38.87
N TRP G 17 -0.62 19.00 19.93
N TRP G 17 9.25 9.01 38.83
CA TRP G 17 -1.76 18.15 20.24
CA TRP G 17 7.89 8.94 39.36
C TRP G 17 -2.84 18.35 19.18
C TRP G 17 7.94 8.33 40.75
N THR G 18 -3.17 17.27 18.46
N THR G 18 7.52 9.11 41.77
CA THR G 18 -4.12 17.35 17.33
CA THR G 18 7.56 8.70 43.17
C THR G 18 -5.46 16.65 17.65
C THR G 18 6.16 8.48 43.73
N GLY G 19 -5.61 16.24 18.90
N GLY G 19 5.19 8.50 42.82
CA GLY G 19 -6.76 15.45 19.33
CA GLY G 19 3.78 8.39 43.17
C GLY G 19 -7.99 16.24 19.72
C GLY G 19 3.22 7.01 43.44
N GLY G 20 -7.93 17.56 19.59
N GLY G 20 4.06 5.98 43.33
CA GLY G 20 -9.09 18.40 19.92
CA GLY G 20 3.61 4.60 43.57
C GLY G 20 -9.25 18.65 21.41
C GLY G 20 2.85 4.04 42.37
N GLY G 21 -10.28 19.40 21.76
N GLY G 21 2.37 2.81 42.50
CA GLY G 21 -10.49 19.79 23.15
CA GLY G 21 1.78 2.12 41.36
C GLY G 21 -10.57 21.30 23.27
C GLY G 21 2.56 0.86 41.04
N LYS G 22 -10.93 21.78 24.46
N LYS G 22 1.96 0.02 40.20
CA LYS G 22 -11.12 23.21 24.71
CA LYS G 22 2.52 -1.28 39.82
C LYS G 22 -9.91 23.84 25.42
C LYS G 22 3.23 -1.23 38.48
N GLU G 23 -9.34 23.06 26.35
N GLU G 23 2.67 -0.47 37.54
CA GLU G 23 -8.22 23.54 27.16
CA GLU G 23 3.19 -0.41 36.17
C GLU G 23 -7.20 22.43 27.38
C GLU G 23 3.07 1.02 35.67
N VAL G 24 -5.98 22.67 26.91
N VAL G 24 4.20 1.60 35.29
CA VAL G 24 -4.95 21.68 26.91
CA VAL G 24 4.26 2.99 34.90
C VAL G 24 -3.71 22.21 27.60
C VAL G 24 4.97 3.14 33.57
N TYR G 25 -3.09 21.34 28.39
N TYR G 25 4.44 4.06 32.78
CA TYR G 25 -1.82 21.61 29.04
CA TYR G 25 5.00 4.44 31.50
C TYR G 25 -0.83 20.51 28.68
C TYR G 25 5.19 5.97 31.47
N LEU G 26 0.44 20.90 28.64
N LEU G 26 6.24 6.38 30.77
CA LEU G 26 1.56 19.98 28.45
CA LEU G 26 6.52 7.78 30.46
C LEU G 26 2.31 19.79 29.75
C LEU G 26 6.16 8.10 29.02
N SER G 27 2.62 18.53 30.04
N SER G 27 5.49 9.24 28.86
CA SER G 27 3.39 18.20 31.23
CA SER G 27 5.12 9.72 27.54
C SER G 27 4.44 17.15 30.88
C SER G 27 5.36 11.23 27.47
N GLY G 28 5.54 17.12 31.63
N GLY G 28 5.61 11.74 26.27
CA GLY G 28 6.58 16.13 31.39
CA GLY G 28 5.86 13.16 26.10
C GLY G 28 7.75 16.27 32.35
C GLY G 28 6.12 13.50 24.65
N SER G 29 8.72 15.40 32.19
N SER G 29 6.34 14.79 24.39
CA SER G 29 9.89 15.39 33.06
CA SER G 29 6.55 15.24 23.02
C SER G 29 10.61 16.73 32.95
C SER G 29 7.84 14.64 22.46
N PHE G 30 10.52 17.35 31.78
N PHE G 30 8.77 14.35 23.35
CA PHE G 30 11.20 18.61 31.51
CA PHE G 30 10.06 13.79 22.98
C PHE G 30 10.67 19.81 32.30
C PHE G 30 9.96 12.37 22.37
N ASN G 31 9.45 19.70 32.85
N ASN G 31 8.86 11.67 22.60
CA ASN G 31 8.95 20.75 33.76
CA ASN G 31 8.66 10.37 21.96
C ASN G 31 8.49 20.16 35.09
C ASN G 31 7.31 10.32 21.26
N ASN G 32 9.08 19.03 35.44
N ASN G 32 6.83 11.49 20.84
CA ASN G 32 8.78 18.34 36.69
CA ASN G 32 5.60 11.61 20.10
C ASN G 32 7.29 18.09 36.85
C ASN G 32 4.43 10.95 20.83
N TRP G 33 6.67 17.74 35.73
N TRP G 33 4.43 11.11 22.15
CA TRP G 33 5.24 17.39 35.66
CA TRP G 33 3.39 10.60 23.04
C TRP G 33 4.36 18.49 36.19
C TRP G 33 3.17 9.10 22.93
N SER G 34 4.70 19.72 35.83
N SER G 34 4.28 8.36 22.84
CA SER G 34 3.79 20.84 36.01
CA SER G 34 4.23 6.91 22.99
C SER G 34 2.98 21.01 34.74
C SER G 34 4.54 6.56 24.44
N LYS G 35 1.92 21.83 34.79
N LYS G 35 4.34 5.30 24.80
CA LYS G 35 1.03 22.03 33.64
CA LYS G 35 4.55 4.84 26.17
C LYS G 35 1.34 23.32 32.89
C LYS G 35 5.89 4.14 26.33
N LEU G 36 1.79 23.16 31.65
N LEU G 36 6.74 4.73 27.16
CA LEU G 36 2.05 24.31 30.77
CA LEU G 36 8.03 4.15 27.52
C LEU G 36 0.83 24.54 29.85
C LEU G 36 7.87 3.42 28.87
N PRO G 37 0.18 25.70 29.99
N PRO G 37 8.01 2.10 28.87
CA PRO G 37 -1.01 25.97 29.17
CA PRO G 37 7.84 1.40 30.14
C PRO G 37 -0.66 26.15 27.71
C PRO G 37 8.97 1.74 31.10
N LEU G 38 -1.36 25.44 26.84
N LEU G 38 8.63 2.07 32.34
CA LEU G 38 -1.02 25.50 25.42
CA LEU G 38 9.65 2.50 33.29
C LEU G 38 -1.88 26.53 24.68
C LEU G 38 10.11 1.34 34.15
N THR G 39 -1.31 27.10 23.63
N THR G 39 11.39 1.36 34.51
CA THR G 39 -2.02 28.07 22.83
CA THR G 39 11.94 0.37 35.41
C THR G 39 -2.77 27.34 21.74
C THR G 39 11.64 0.75 36.86
N ARG G 40 -3.96 27.84 21.42
N ARG G 40 11.41 -0.25 37.70
CA ARG G 40 -4.75 27.21 20.40
CA ARG G 40 11.15 0.00 39.09
C ARG G 40 -4.62 27.95 19.09
C ARG G 40 12.32 -0.36 39.98
N SER G 41 -4.34 27.21 18.04
N SER G 41 12.66 0.59 40.83
CA SER G 41 -4.19 27.79 16.71
CA SER G 41 13.76 0.45 41.76
C SER G 41 -4.57 26.74 15.66
C SER G 41 13.46 1.30 43.00
N GLN G 42 -5.46 27.10 14.75
N GLN G 42 13.61 0.72 44.17
CA GLN G 42 -5.84 26.18 13.67
CA GLN G 42 13.50 1.49 45.43
C GLN G 42 -6.20 24.77 14.16
C GLN G 42 12.23 2.39 45.49
N ASN G 43 -6.98 24.65 15.21
N ASN G 43 11.10 1.81 45.11
CA ASN G 43 -7.42 23.33 15.69
CA ASN G 43 9.81 2.50 45.21
C ASN G 43 -6.44 22.60 16.59
C ASN G 43 9.49 3.44 44.07
N ASN G 44 -5.18 23.02 16.56
N ASN G 44 10.51 3.80 43.30
CA ASN G 44 -4.18 22.35 17.38
CA ASN G 44 10.31 4.72 42.21
C ASN G 44 -3.80 23.14 18.60
C ASN G 44 10.29 4.06 40.84
N PHE G 45 -3.14 22.48 19.55
N PHE G 45 9.84 4.82 39.85
CA PHE G 45 -2.59 23.13 20.73
CA PHE G 45 9.91 4.38 38.47
C PHE G 45 -1.08 22.90 20.74
C PHE G 45 10.70 5.43 37.67
N VAL G 46 -0.32 23.98 20.75
N VAL G 46 11.75 4.98 37.00
CA VAL G 46 1.10 23.92 20.44
CA VAL G 46 12.76 5.91 36.47
C VAL G 46 2.01 24.59 21.47
C VAL G 46 13.13 5.68 35.01
N ALA G 47 3.19 24.02 21.66
N ALA G 47 13.56 6.77 34.35
CA ALA G 47 4.28 24.65 22.40
CA ALA G 47 14.21 6.70 33.05
C ALA G 47 5.60 24.27 21.75
C ALA G 47 15.16 7.88 32.91
N ILE G 48 6.52 25.23 21.66
N ILE G 48 16.32 7.63 32.33
CA ILE G 48 7.86 24.92 21.20
CA ILE G 48 17.25 8.70 32.03
C ILE G 48 8.81 25.06 22.38
C ILE G 48 17.21 8.90 30.52
N LEU G 49 9.54 23.99 22.68
N LEU G 49 16.88 10.11 30.08
CA LEU G 49 10.41 23.98 23.86
CA LEU G 49 16.75 10.37 28.66
C LEU G 49 11.83 23.64 23.49
C LEU G 49 17.67 11.49 28.22
N ASP G 50 12.78 24.43 24.01
N ASP G 50 18.26 11.32 27.04
CA ASP G 50 14.19 24.12 23.85
CA ASP G 50 19.09 12.35 26.44
C ASP G 50 14.57 23.03 24.83
C ASP G 50 18.22 13.33 25.66
N LEU G 51 14.42 21.77 24.41
N LEU G 51 17.67 14.33 26.34
CA LEU G 51 14.73 20.64 25.28
CA LEU G 51 16.79 15.28 25.69
C LEU G 51 16.17 20.18 25.06
C LEU G 51 17.56 16.48 25.17
N PRO G 52 16.85 19.78 26.15
N PRO G 52 17.14 17.01 24.01
CA PRO G 52 18.20 19.24 26.05
CA PRO G 52 17.70 18.25 23.47
C PRO G 52 18.23 17.81 25.50
C PRO G 52 17.32 19.46 24.30
N GLU G 53 19.43 17.34 25.15
N GLU G 53 18.07 20.55 24.16
CA GLU G 53 19.61 16.03 24.52
CA GLU G 53 17.77 21.79 24.88
C GLU G 53 19.14 14.88 25.40
C GLU G 53 16.36 22.27 24.55
N GLY G 54 18.41 13.96 24.78
N GLY G 54 15.74 22.93 25.52
CA GLY G 54 17.87 12.79 25.48
CA GLY G 54 14.41 23.48 25.34
C GLY G 54 16.41 12.58 25.13
C GLY G 54 13.39 22.85 26.28
N GLU G 55 12.14 23.26 26.13
CA GLU G 55 11.07 22.79 27.00
C GLU G 55 10.38 21.56 26.41
N HIS G 56 12.84 12.32 26.72
N HIS G 56 10.11 20.59 27.27
CA HIS G 56 11.92 13.11 27.54
CA HIS G 56 9.47 19.36 26.84
C HIS G 56 10.50 12.51 27.56
C HIS G 56 8.24 19.06 27.71
N GLN G 57 9.98 12.28 28.77
N GLN G 57 7.12 18.74 27.07
CA GLN G 57 8.60 11.79 28.89
CA GLN G 57 5.95 18.30 27.82
C GLN G 57 7.66 12.96 29.02
C GLN G 57 6.00 16.80 27.99
N TYR G 58 6.48 12.85 28.41
N TYR G 58 5.53 16.34 29.15
CA TYR G 58 5.48 13.90 28.49
CA TYR G 58 5.44 14.91 29.41
C TYR G 58 4.09 13.32 28.34
C TYR G 58 4.34 14.60 30.41
N LYS G 59 3.08 14.13 28.64
N LYS G 59 4.01 13.32 30.53
CA LYS G 59 1.70 13.73 28.50
CA LYS G 59 2.99 12.86 31.47
C LYS G 59 0.87 15.00 28.43
C LYS G 59 3.26 11.39 31.75
N PHE G 60 -0.36 14.89 27.93
N PHE G 60 2.72 10.88 32.85
CA PHE G 60 -1.24 16.04 27.89
CA PHE G 60 2.86 9.47 33.16
C PHE G 60 -2.35 15.95 28.93
C PHE G 60 1.56 8.69 32.92
N PHE G 61 -2.83 17.13 29.36
N PHE G 61 1.70 7.39 32.68
CA PHE G 61 -3.98 17.20 30.26
CA PHE G 61 0.55 6.50 32.54
C PHE G 61 -5.04 17.94 29.47
C PHE G 61 0.72 5.46 33.62
N VAL G 62 -6.07 17.22 29.05
N VAL G 62 -0.13 5.55 34.64
CA VAL G 62 -7.01 17.74 28.08
CA VAL G 62 0.10 4.79 35.86
C VAL G 62 -8.42 17.78 28.67
C VAL G 62 -1.07 3.85 36.13
N ASP G 63 -8.95 18.98 28.78
N ASP G 63 -0.77 2.56 36.06
CA ASP G 63 -10.27 19.18 29.36
CA ASP G 63 -1.78 1.53 36.29
C ASP G 63 -10.46 18.35 30.62
C ASP G 63 -3.09 1.84 35.54
N GLY G 64 -9.45 18.37 31.49
N GLY G 64 -2.95 2.24 34.29
CA GLY G 64 -9.56 17.76 32.81
CA GLY G 64 -4.10 2.41 33.40
C GLY G 64 -9.18 16.29 32.89
C GLY G 64 -4.70 3.81 33.40
N GLN G 65 -8.66 15.74 31.80
N GLN G 65 -4.02 4.74 34.04
CA GLN G 65 -8.26 14.34 31.80
CA GLN G 65 -4.52 6.11 34.15
C GLN G 65 -6.87 14.17 31.24
C GLN G 65 -3.45 7.14 33.84
N TRP G 66 -6.05 13.39 31.93
N TRP G 66 -3.79 8.09 32.97
CA TRP G 66 -4.73 13.02 31.44
CA TRP G 66 -2.96 9.24 32.72
C TRP G 66 -4.88 12.17 30.21
C TRP G 66 -2.88 10.07 34.00
N THR G 67 -4.17 12.54 29.14
N THR G 67 -1.67 10.38 34.44
CA THR G 67 -4.22 11.81 27.89
CA THR G 67 -1.46 11.18 35.64
C THR G 67 -2.88 11.80 27.13
C THR G 67 -0.21 12.06 35.52
N HIS G 68 -2.60 10.75 26.37
N HIS G 68 -0.23 13.22 36.16
CA HIS G 68 -1.40 10.68 25.55
CA HIS G 68 0.94 14.11 36.19
C HIS G 68 -1.77 10.71 24.06
C HIS G 68 1.55 14.13 37.60
N ASP G 69 -0.78 10.98 23.22
N ASP G 69 2.79 14.62 37.70
CA ASP G 69 -0.98 10.99 21.77
CA ASP G 69 3.46 14.82 39.00
C ASP G 69 -0.63 9.61 21.22
C ASP G 69 3.17 16.24 39.55
N PRO G 70 -1.63 8.87 20.75
N PRO G 70 2.39 16.33 40.64
CA PRO G 70 -1.40 7.49 20.32
CA PRO G 70 2.00 17.64 41.15
C PRO G 70 -0.54 7.43 19.05
C PRO G 70 3.19 18.41 41.72
N SER G 71 -0.36 8.59 18.41
N SER G 71 4.32 17.72 41.90
CA SER G 71 0.41 8.66 17.17
CA SER G 71 5.51 18.37 42.45
C SER G 71 1.92 8.80 17.42
C SER G 71 6.39 19.03 41.38
N GLU G 72 2.32 8.88 18.69
N GLU G 72 6.00 18.95 40.11
CA GLU G 72 3.73 9.03 19.03
CA GLU G 72 6.80 19.55 39.04
C GLU G 72 4.12 7.93 20.00
C GLU G 72 5.91 20.49 38.25
N PRO G 73 5.42 7.67 20.14
N PRO G 73 6.51 21.39 37.46
CA PRO G 73 5.83 6.56 21.01
CA PRO G 73 5.66 22.35 36.75
C PRO G 73 5.39 6.74 22.48
C PRO G 73 4.70 21.71 35.75
N ILE G 74 5.10 5.62 23.14
N ILE G 74 3.54 22.33 35.56
CA ILE G 74 4.73 5.66 24.55
CA ILE G 74 2.57 21.83 34.58
C ILE G 74 5.62 4.74 25.37
C ILE G 74 2.16 22.90 33.61
N VAL G 75 5.64 4.98 26.67
N VAL G 75 1.54 22.46 32.53
CA VAL G 75 6.27 4.08 27.59
CA VAL G 75 0.92 23.37 31.59
C VAL G 75 5.43 4.06 28.85
C VAL G 75 -0.31 22.67 31.03
N THR G 76 5.56 3.00 29.65
N THR G 76 -1.26 23.45 30.53
CA THR G 76 4.87 2.95 30.92
CA THR G 76 -2.44 22.86 29.90
C THR G 76 5.78 3.52 32.01
C THR G 76 -2.17 22.72 28.40
N SER G 77 5.31 4.50 32.75
N SER G 77 -2.22 21.51 27.88
CA SER G 77 6.12 5.11 33.83
CA SER G 77 -1.96 21.27 26.45
C SER G 77 6.24 4.13 35.00
C SER G 77 -3.05 21.89 25.58
N GLN G 78 7.12 4.46 35.95
N GLN G 78 -2.83 21.90 24.27
CA GLN G 78 7.27 3.68 37.17
CA GLN G 78 -3.81 22.43 23.32
C GLN G 78 6.10 3.90 38.10
C GLN G 78 -4.94 21.42 23.14
N LEU G 79 5.17 4.77 37.69
N LEU G 79 -4.76 20.23 23.69
CA LEU G 79 3.90 4.93 38.37
CA LEU G 79 -5.81 19.24 23.79
C LEU G 79 2.85 4.01 37.76
C LEU G 79 -6.70 19.52 25.01
N GLY G 80 3.21 3.36 36.65
N GLY G 80 -6.24 20.39 25.89
CA GLY G 80 2.30 2.44 35.97
CA GLY G 80 -7.00 20.76 27.09
C GLY G 80 1.39 3.16 35.01
C GLY G 80 -6.64 19.87 28.25
N THR G 81 1.75 4.41 34.70
N THR G 81 -5.49 19.21 28.15
CA THR G 81 0.96 5.27 33.83
CA THR G 81 -5.04 18.27 29.16
C THR G 81 1.59 5.33 32.44
C THR G 81 -3.88 18.83 29.96
N VAL G 82 0.78 5.53 31.42
N VAL G 82 -3.72 18.36 31.19
CA VAL G 82 1.27 5.65 30.07
CA VAL G 82 -2.62 18.82 32.02
C VAL G 82 1.67 7.09 29.71
C VAL G 82 -1.38 17.95 31.85
N ASN G 83 2.93 7.29 29.34
N ASN G 83 -0.29 18.59 31.40
CA ASN G 83 3.44 8.57 28.83
CA ASN G 83 1.02 17.94 31.28
C ASN G 83 3.91 8.50 27.39
C ASN G 83 2.05 18.55 32.22
N ASN G 84 3.84 9.63 26.69
N ASN G 84 3.03 17.74 32.59
CA ASN G 84 4.57 9.77 25.42
CA ASN G 84 4.22 18.28 33.21
C ASN G 84 6.04 9.96 25.73
C ASN G 84 5.06 18.90 32.13
N ILE G 85 6.88 9.68 24.75
N ILE G 85 5.94 19.79 32.53
CA ILE G 85 8.30 9.89 24.91
CA ILE G 85 6.84 20.45 31.61
C ILE G 85 8.90 10.43 23.62
C ILE G 85 8.22 20.57 32.25
N ILE G 86 9.79 11.41 23.74
N ILE G 86 9.25 20.31 31.46
CA ILE G 86 10.49 11.97 22.58
CA ILE G 86 10.62 20.34 32.01
C ILE G 86 11.99 11.94 22.83
C ILE G 86 11.53 21.28 31.22
C1 GLC H . -11.60 -1.74 0.95
C2 GLC H . -11.85 -0.24 1.03
C3 GLC H . -11.22 0.33 2.29
C4 GLC H . -11.74 -0.43 3.52
C5 GLC H . -11.45 -1.92 3.36
C6 GLC H . -12.03 -2.80 4.45
O2 GLC H . -11.29 0.42 -0.11
O3 GLC H . -11.49 1.75 2.43
O4 GLC H . -11.07 0.09 4.66
O5 GLC H . -12.07 -2.35 2.15
O6 GLC H . -11.43 -4.12 4.30
C1 GLC H . -11.83 0.48 5.80
C2 GLC H . -11.42 1.90 6.17
C3 GLC H . -9.94 1.97 6.54
C4 GLC H . -9.63 0.91 7.60
C5 GLC H . -10.05 -0.47 7.03
C6 GLC H . -9.65 -1.67 7.89
O2 GLC H . -11.65 2.79 5.06
O3 GLC H . -9.66 3.31 6.98
O4 GLC H . -8.22 0.97 7.81
O5 GLC H . -11.48 -0.43 6.88
O6 GLC H . -10.24 -1.44 9.16
C1 GLC H . -7.80 1.05 9.19
C2 GLC H . -6.94 2.30 9.38
C3 GLC H . -5.67 2.16 8.57
C4 GLC H . -4.97 0.87 8.86
C5 GLC H . -5.89 -0.34 8.73
C6 GLC H . -5.27 -1.67 9.14
O2 GLC H . -7.71 3.43 8.97
O3 GLC H . -4.76 3.26 8.79
O4 GLC H . -3.93 0.78 7.91
O5 GLC H . -7.05 -0.13 9.50
O6 GLC H . -6.28 -2.66 8.92
C1 GLC H . -2.63 0.63 8.49
C2 GLC H . -1.72 1.57 7.71
C3 GLC H . -1.69 1.14 6.26
C4 GLC H . -1.22 -0.29 6.17
C5 GLC H . -2.13 -1.18 7.04
C6 GLC H . -1.67 -2.60 7.09
O2 GLC H . -2.22 2.91 7.72
O3 GLC H . -0.87 2.03 5.48
O4 GLC H . -1.29 -0.64 4.79
O5 GLC H . -2.16 -0.70 8.37
O6 GLC H . -0.36 -2.57 7.66
C1 GLC H . -0.16 -1.23 4.16
C2 GLC H . 0.07 -0.56 2.81
C3 GLC H . -1.12 -0.77 1.89
C4 GLC H . -1.36 -2.27 1.73
C5 GLC H . -1.54 -2.91 3.11
C6 GLC H . -1.62 -4.42 3.06
O2 GLC H . 0.26 0.84 2.96
O3 GLC H . -0.85 -0.16 0.62
O4 GLC H . -2.50 -2.42 0.87
O5 GLC H . -0.39 -2.60 3.92
O6 GLC H . -0.56 -4.91 2.23
C1 GLC H . -2.33 -3.25 -0.27
C2 GLC H . -2.78 -2.56 -1.53
C3 GLC H . -4.27 -2.26 -1.41
C4 GLC H . -5.07 -3.51 -1.19
C5 GLC H . -4.50 -4.48 -0.20
C6 GLC H . -4.95 -5.94 -0.40
O2 GLC H . -2.08 -1.32 -1.78
O3 GLC H . -4.67 -1.73 -2.65
O4 GLC H . -6.43 -3.16 -0.81
O5 GLC H . -3.05 -4.46 -0.01
O6 GLC H . -5.16 -6.38 0.95
C1 GLC H . -7.37 -3.87 -1.56
C2 GLC H . -8.29 -2.87 -2.27
C3 GLC H . -9.03 -1.99 -1.26
C4 GLC H . -9.72 -2.80 -0.21
C5 GLC H . -8.77 -3.86 0.42
C6 GLC H . -9.48 -4.83 1.31
O2 GLC H . -7.52 -2.07 -3.13
O3 GLC H . -10.00 -1.13 -1.94
O4 GLC H . -10.21 -1.90 0.79
O5 GLC H . -8.14 -4.59 -0.63
O6 GLC H . -8.55 -5.57 2.15
C1 GLC I . 3.68 13.35 -4.41
C2 GLC I . 2.30 12.67 -4.45
C3 GLC I . 1.79 12.33 -3.07
C4 GLC I . 2.85 11.53 -2.30
C5 GLC I . 4.16 12.34 -2.26
C6 GLC I . 5.26 11.66 -1.44
O2 GLC I . 1.36 13.50 -5.13
O3 GLC I . 0.57 11.56 -3.14
O4 GLC I . 2.38 11.33 -0.97
O5 GLC I . 4.59 12.61 -3.59
O6 GLC I . 6.40 12.53 -1.46
C1 GLC I . 2.40 9.99 -0.49
C2 GLC I . 1.02 9.61 0.00
C3 GLC I . 0.68 10.44 1.23
C4 GLC I . 1.78 10.35 2.28
C5 GLC I . 3.12 10.75 1.68
C6 GLC I . 4.33 10.65 2.64
O2 GLC I . 0.02 9.83 -1.02
O3 GLC I . -0.57 10.00 1.79
O4 GLC I . 1.39 11.27 3.27
O5 GLC I . 3.35 9.86 0.59
O6 GLC I . 4.34 9.28 3.08
C1 GLC I . 1.37 10.80 4.63
C2 GLC I . 0.04 11.23 5.23
C3 GLC I . -0.07 12.74 5.27
C4 GLC I . 1.13 13.35 5.97
C5 GLC I . 2.42 12.82 5.33
C6 GLC I . 3.68 13.33 6.01
O2 GLC I . -0.98 10.67 4.41
O3 GLC I . -1.27 13.18 5.92
O4 GLC I . 1.09 14.77 5.82
O5 GLC I . 2.43 11.38 5.35
O6 GLC I . 3.65 12.86 7.36
C1 GLC I . 1.28 15.58 7.00
C2 GLC I . 0.09 16.50 7.02
C3 GLC I . 0.19 17.51 5.89
C4 GLC I . 1.51 18.24 5.90
C5 GLC I . 2.64 17.23 5.88
C6 GLC I . 3.97 17.97 5.84
O2 GLC I . -1.10 15.69 6.87
O3 GLC I . -0.88 18.44 6.01
O4 GLC I . 1.65 18.98 4.69
O5 GLC I . 2.51 16.33 6.99
O6 GLC I . 5.01 17.14 6.34
C1 GLC I . 1.91 20.36 4.75
C2 GLC I . 0.81 20.98 3.94
C3 GLC I . 1.02 20.71 2.44
C4 GLC I . 2.45 21.01 2.00
C5 GLC I . 3.41 20.21 2.89
C6 GLC I . 4.89 20.35 2.52
O2 GLC I . -0.41 20.34 4.41
O3 GLC I . 0.13 21.47 1.63
O4 GLC I . 2.58 20.62 0.63
O5 GLC I . 3.20 20.65 4.23
O6 GLC I . 5.23 21.70 2.20
C1 GLC I . 2.90 21.66 -0.27
C2 GLC I . 1.95 21.67 -1.43
C3 GLC I . 2.10 20.38 -2.24
C4 GLC I . 3.52 20.13 -2.73
C5 GLC I . 4.53 20.36 -1.62
C6 GLC I . 5.99 20.49 -2.03
O2 GLC I . 0.60 21.76 -0.94
O3 GLC I . 1.31 20.50 -3.41
O4 GLC I . 3.56 18.77 -3.25
O5 GLC I . 4.21 21.44 -0.70
O6 GLC I . 6.66 19.76 -1.00
C1 GLC I . 4.39 18.60 -4.40
C2 GLC I . 3.51 18.02 -5.47
C3 GLC I . 2.97 16.68 -4.96
C4 GLC I . 4.07 15.73 -4.49
C5 GLC I . 5.04 16.45 -3.53
C6 GLC I . 6.28 15.61 -3.31
O2 GLC I . 2.39 18.88 -5.76
O3 GLC I . 2.22 16.05 -6.02
O4 GLC I . 3.49 14.64 -3.84
O5 GLC I . 5.46 17.66 -4.12
O6 GLC I . 7.06 16.22 -2.28
C1 GLC J . 19.14 -3.31 -22.36
C2 GLC J . 19.78 -4.71 -22.57
C3 GLC J . 19.80 -5.04 -24.05
C4 GLC J . 18.38 -4.93 -24.60
C5 GLC J . 17.81 -3.53 -24.37
C6 GLC J . 16.36 -3.40 -24.78
O2 GLC J . 21.09 -4.67 -22.05
O3 GLC J . 20.28 -6.36 -24.31
O4 GLC J . 18.46 -5.17 -25.98
O5 GLC J . 17.86 -3.29 -22.97
O6 GLC J . 16.00 -1.98 -24.72
C1 GLC J . 17.62 -6.14 -26.56
C2 GLC J . 18.45 -7.12 -27.35
C3 GLC J . 19.17 -6.41 -28.50
C4 GLC J . 18.18 -5.58 -29.32
C5 GLC J . 17.45 -4.60 -28.36
C6 GLC J . 16.49 -3.57 -28.99
O2 GLC J . 19.43 -7.74 -26.52
O3 GLC J . 19.75 -7.42 -29.30
O4 GLC J . 18.97 -4.91 -30.31
O5 GLC J . 16.73 -5.43 -27.45
O6 GLC J . 15.62 -4.28 -29.86
C1 GLC J . 18.52 -5.02 -31.67
C2 GLC J . 19.65 -5.57 -32.53
C3 GLC J . 20.81 -4.59 -32.53
C4 GLC J . 20.35 -3.21 -32.93
C5 GLC J . 19.17 -2.75 -32.07
C6 GLC J . 18.60 -1.42 -32.48
O2 GLC J . 20.05 -6.82 -32.00
O3 GLC J . 21.87 -5.03 -33.39
O4 GLC J . 21.41 -2.32 -32.68
O5 GLC J . 18.14 -3.73 -32.12
O6 GLC J . 17.54 -1.19 -31.55
C1 GLC J . 21.81 -1.55 -33.84
C2 GLC J . 23.32 -1.65 -33.90
C3 GLC J . 23.91 -1.04 -32.63
C4 GLC J . 23.47 0.39 -32.51
C5 GLC J . 21.94 0.46 -32.53
C6 GLC J . 21.41 1.87 -32.52
O2 GLC J . 23.77 -3.00 -33.92
O3 GLC J . 25.33 -1.18 -32.62
O4 GLC J . 23.99 0.86 -31.28
O5 GLC J . 21.42 -0.19 -33.69
O6 GLC J . 20.61 2.03 -33.70
C1 GLC J . 24.67 2.11 -31.29
C2 GLC J . 25.94 1.99 -30.48
C3 GLC J . 25.62 1.72 -29.02
C4 GLC J . 24.76 2.84 -28.44
C5 GLC J . 23.53 2.97 -29.32
C6 GLC J . 22.67 4.15 -28.94
O2 GLC J . 26.71 0.89 -30.95
O3 GLC J . 26.82 1.62 -28.29
O4 GLC J . 24.43 2.47 -27.08
O5 GLC J . 23.88 3.14 -30.71
O6 GLC J . 21.57 4.08 -29.85
C1 GLC J . 24.71 3.42 -26.07
C2 GLC J . 25.48 2.79 -24.94
C3 GLC J . 24.66 1.69 -24.28
C4 GLC J . 23.33 2.20 -23.78
C5 GLC J . 22.64 3.17 -24.72
C6 GLC J . 21.64 4.12 -24.02
O2 GLC J . 26.75 2.27 -25.40
O3 GLC J . 25.39 1.21 -23.16
O4 GLC J . 22.43 1.10 -23.46
O5 GLC J . 23.45 3.92 -25.65
O6 GLC J . 20.47 3.92 -24.82
C1 GLC J . 21.85 1.24 -22.18
C2 GLC J . 22.29 0.07 -21.30
C3 GLC J . 21.77 -1.22 -21.91
C4 GLC J . 20.29 -1.16 -22.21
C5 GLC J . 19.92 0.11 -23.03
C6 GLC J . 18.44 0.30 -23.19
O2 GLC J . 23.70 0.05 -21.21
O3 GLC J . 22.01 -2.34 -21.01
O4 GLC J . 20.00 -2.34 -22.94
O5 GLC J . 20.45 1.21 -22.33
O6 GLC J . 18.19 1.29 -24.21
C1 GLC K . 1.69 -15.18 28.82
C2 GLC K . 2.85 -15.37 27.82
C3 GLC K . 4.01 -16.02 28.53
C4 GLC K . 4.38 -15.29 29.81
C5 GLC K . 3.19 -15.19 30.73
C6 GLC K . 3.45 -14.41 32.02
O2 GLC K . 2.40 -16.14 26.69
O3 GLC K . 5.14 -16.11 27.66
O4 GLC K . 5.43 -16.01 30.45
O5 GLC K . 2.15 -14.53 30.00
O6 GLC K . 2.28 -14.56 32.82
C1 GLC K . 6.65 -15.32 30.77
C2 GLC K . 7.81 -16.06 30.14
C3 GLC K . 7.91 -17.43 30.80
C4 GLC K . 8.02 -17.31 32.32
C5 GLC K . 6.85 -16.50 32.85
C6 GLC K . 6.93 -16.25 34.35
O2 GLC K . 7.56 -16.17 28.74
O3 GLC K . 9.06 -18.11 30.36
O4 GLC K . 7.96 -18.65 32.83
O5 GLC K . 6.84 -15.24 32.19
O6 GLC K . 5.71 -15.63 34.81
C1 GLC K . 8.98 -19.03 33.75
C2 GLC K . 9.64 -20.31 33.25
C3 GLC K . 8.63 -21.43 33.25
C4 GLC K . 7.97 -21.61 34.61
C5 GLC K . 7.35 -20.26 35.00
C6 GLC K . 6.62 -20.32 36.35
O2 GLC K . 10.11 -20.08 31.92
O3 GLC K . 9.33 -22.63 32.90
O4 GLC K . 6.93 -22.59 34.51
O5 GLC K . 8.38 -19.27 35.00
O6 GLC K . 7.55 -20.71 37.34
C1 GLC K . 6.83 -23.57 35.55
C2 GLC K . 6.76 -24.95 34.89
C3 GLC K . 5.46 -25.08 34.11
C4 GLC K . 4.25 -24.77 34.95
C5 GLC K . 4.42 -23.41 35.62
C6 GLC K . 3.24 -23.02 36.52
O2 GLC K . 7.92 -25.10 34.05
O3 GLC K . 5.31 -26.41 33.60
O4 GLC K . 3.20 -24.72 34.02
O5 GLC K . 5.65 -23.36 36.35
O6 GLC K . 3.03 -23.97 37.56
C1 GLC K . 2.14 -25.65 34.12
C2 GLC K . 1.80 -26.25 32.76
C3 GLC K . 1.26 -25.20 31.82
C4 GLC K . 0.08 -24.50 32.48
C5 GLC K . 0.51 -23.92 33.81
C6 GLC K . -0.60 -23.26 34.61
O2 GLC K . 2.96 -26.84 32.19
O3 GLC K . 0.81 -25.81 30.61
O4 GLC K . -0.38 -23.50 31.57
O5 GLC K . 1.00 -24.97 34.63
O6 GLC K . -1.67 -24.21 34.77
C1 GLC K . -1.73 -23.60 31.18
C2 GLC K . -1.80 -23.49 29.69
C3 GLC K . -1.30 -22.11 29.24
C4 GLC K . -2.04 -21.00 29.96
C5 GLC K . -2.17 -21.22 31.46
C6 GLC K . -3.13 -20.30 32.17
O2 GLC K . -0.96 -24.48 29.11
O3 GLC K . -1.65 -21.92 27.89
O4 GLC K . -1.38 -19.77 29.61
O5 GLC K . -2.45 -22.57 31.83
O6 GLC K . -2.45 -20.01 33.40
C1 GLC K . -2.26 -18.69 29.32
C2 GLC K . -1.94 -18.15 27.94
C3 GLC K . -0.51 -17.63 27.91
C4 GLC K . -0.25 -16.63 29.00
C5 GLC K . -0.71 -17.17 30.35
C6 GLC K . -0.64 -16.09 31.41
O2 GLC K . -2.09 -19.18 26.97
O3 GLC K . -0.20 -17.00 26.64
O4 GLC K . 1.16 -16.48 29.08
O5 GLC K . -2.04 -17.66 30.29
O6 GLC K . -0.91 -16.69 32.67
C1 GLC L . -21.52 -27.28 -8.40
C2 GLC L . -22.73 -27.51 -7.49
C3 GLC L . -23.99 -27.79 -8.28
C4 GLC L . -24.19 -26.70 -9.35
C5 GLC L . -22.95 -26.63 -10.23
C6 GLC L . -23.07 -25.62 -11.38
O2 GLC L . -22.45 -28.57 -6.55
O3 GLC L . -25.15 -27.86 -7.42
O4 GLC L . -25.34 -27.04 -10.12
O5 GLC L . -21.79 -26.32 -9.44
O6 GLC L . -21.88 -25.64 -12.16
C1 GLC L . -26.33 -26.03 -10.28
C2 GLC L . -27.66 -26.63 -9.85
C3 GLC L . -28.06 -27.71 -10.81
C4 GLC L . -28.00 -27.24 -12.27
C5 GLC L . -26.61 -26.67 -12.58
C6 GLC L . -26.47 -26.12 -14.00
O2 GLC L . -27.59 -27.20 -8.53
O3 GLC L . -29.39 -28.17 -10.52
O4 GLC L . -28.25 -28.40 -13.04
O5 GLC L . -26.38 -25.63 -11.65
O6 GLC L . -27.48 -25.10 -14.18
C1 GLC L . -29.26 -28.29 -14.05
C2 GLC L . -30.18 -29.49 -13.88
C3 GLC L . -29.46 -30.82 -14.15
C4 GLC L . -28.74 -30.76 -15.49
C5 GLC L . -27.88 -29.51 -15.57
C6 GLC L . -27.19 -29.41 -16.93
O2 GLC L . -30.71 -29.47 -12.56
O3 GLC L . -30.36 -31.93 -14.14
O4 GLC L . -27.88 -31.90 -15.62
O5 GLC L . -28.66 -28.33 -15.33
O6 GLC L . -26.79 -28.06 -17.17
C1 GLC L . -27.93 -32.63 -16.85
C2 GLC L . -28.12 -34.07 -16.42
C3 GLC L . -26.85 -34.54 -15.73
C4 GLC L . -25.62 -34.37 -16.59
C5 GLC L . -25.51 -32.91 -17.00
C6 GLC L . -24.29 -32.70 -17.89
O2 GLC L . -29.24 -34.10 -15.52
O3 GLC L . -26.98 -35.91 -15.39
O4 GLC L . -24.50 -34.69 -15.79
O5 GLC L . -26.74 -32.47 -17.64
O6 GLC L . -24.64 -32.19 -19.17
C1 GLC L . -23.56 -35.65 -16.28
C2 GLC L . -23.38 -36.65 -15.16
C3 GLC L . -22.61 -36.03 -14.00
C4 GLC L . -21.35 -35.31 -14.46
C5 GLC L . -21.72 -34.30 -15.55
C6 GLC L . -20.54 -33.49 -16.11
O2 GLC L . -24.72 -37.00 -14.78
O3 GLC L . -22.20 -37.02 -13.07
O4 GLC L . -20.76 -34.69 -13.33
O5 GLC L . -22.32 -35.03 -16.61
O6 GLC L . -19.35 -34.25 -16.22
C1 GLC L . -19.49 -35.18 -12.96
C2 GLC L . -19.44 -35.51 -11.49
C3 GLC L . -19.67 -34.25 -10.64
C4 GLC L . -18.68 -33.14 -10.98
C5 GLC L . -18.53 -32.95 -12.49
C6 GLC L . -17.35 -32.11 -12.93
O2 GLC L . -20.49 -36.44 -11.16
O3 GLC L . -19.43 -34.57 -9.29
O4 GLC L . -19.13 -31.92 -10.36
O5 GLC L . -18.57 -34.16 -13.28
O6 GLC L . -17.94 -31.31 -13.95
C1 GLC L . -18.10 -31.09 -9.82
C2 GLC L . -18.36 -30.89 -8.35
C3 GLC L . -19.76 -30.25 -8.20
C4 GLC L . -19.86 -28.97 -9.01
C5 GLC L . -19.39 -29.17 -10.47
C6 GLC L . -19.21 -27.82 -11.11
O2 GLC L . -18.42 -32.13 -7.66
O3 GLC L . -19.99 -29.97 -6.81
O4 GLC L . -21.19 -28.54 -9.03
O5 GLC L . -18.12 -29.80 -10.43
O6 GLC L . -18.94 -28.00 -12.48
C1 GLC M . 4.53 9.69 -49.76
C2 GLC M . 5.66 10.70 -49.58
C3 GLC M . 5.63 11.75 -50.65
C4 GLC M . 5.59 11.12 -52.05
C5 GLC M . 4.41 10.14 -52.13
C6 GLC M . 4.34 9.40 -53.46
O2 GLC M . 5.58 11.28 -48.28
O3 GLC M . 6.75 12.61 -50.53
O4 GLC M . 5.47 12.16 -53.02
O5 GLC M . 4.51 9.18 -51.08
O6 GLC M . 3.07 8.74 -53.46
C1 GLC M . 6.40 12.24 -54.09
C2 GLC M . 7.04 13.61 -54.08
C3 GLC M . 5.97 14.65 -54.38
C4 GLC M . 5.29 14.32 -55.70
C5 GLC M . 4.72 12.92 -55.64
C6 GLC M . 4.16 12.48 -56.96
O2 GLC M . 7.60 13.84 -52.76
O3 GLC M . 6.54 15.94 -54.52
O4 GLC M . 4.22 15.26 -55.83
O5 GLC M . 5.76 11.99 -55.35
O6 GLC M . 3.49 11.23 -56.85
C1 GLC M . 4.14 15.96 -57.06
C2 GLC M . 4.11 17.45 -56.73
C3 GLC M . 2.84 17.78 -55.97
C4 GLC M . 1.58 17.30 -56.68
C5 GLC M . 1.75 15.80 -56.94
C6 GLC M . 0.52 15.15 -57.57
O2 GLC M . 5.25 17.78 -55.93
O3 GLC M . 2.82 19.19 -55.87
O4 GLC M . 0.44 17.47 -55.84
O5 GLC M . 2.94 15.59 -57.72
O6 GLC M . 0.19 15.80 -58.79
C1 GLC M . -0.72 18.03 -56.49
C2 GLC M . -1.18 19.23 -55.66
C3 GLC M . -1.58 18.76 -54.27
C4 GLC M . -2.62 17.68 -54.35
C5 GLC M . -2.12 16.55 -55.25
C6 GLC M . -3.11 15.41 -55.47
O2 GLC M . -0.10 20.16 -55.65
O3 GLC M . -2.09 19.82 -53.45
O4 GLC M . -2.75 17.25 -53.00
O5 GLC M . -1.77 17.06 -56.55
O6 GLC M . -4.36 15.95 -55.88
C1 GLC M . -4.01 17.33 -52.35
C2 GLC M . -3.86 17.87 -50.94
C3 GLC M . -3.07 16.89 -50.07
C4 GLC M . -3.76 15.54 -50.11
C5 GLC M . -3.88 15.06 -51.54
C6 GLC M . -4.65 13.77 -51.70
O2 GLC M . -3.17 19.10 -51.00
O3 GLC M . -2.97 17.31 -48.71
O4 GLC M . -2.95 14.68 -49.29
O5 GLC M . -4.59 16.04 -52.29
O6 GLC M . -5.87 13.85 -50.94
C1 GLC M . -3.66 14.04 -48.24
C2 GLC M . -2.85 14.16 -46.97
C3 GLC M . -1.53 13.44 -47.15
C4 GLC M . -1.74 11.98 -47.56
C5 GLC M . -2.71 11.85 -48.72
C6 GLC M . -3.08 10.44 -49.13
O2 GLC M . -2.56 15.54 -46.74
O3 GLC M . -0.84 13.42 -45.93
O4 GLC M . -0.45 11.46 -47.86
O5 GLC M . -3.87 12.67 -48.55
O6 GLC M . -3.09 10.49 -50.58
C1 GLC M . -0.20 10.14 -47.37
C2 GLC M . 1.07 10.15 -46.54
C3 GLC M . 2.26 10.56 -47.39
C4 GLC M . 2.41 9.69 -48.61
C5 GLC M . 1.05 9.60 -49.36
C6 GLC M . 1.12 8.58 -50.47
O2 GLC M . 0.94 11.07 -45.47
O3 GLC M . 3.49 10.53 -46.62
O4 GLC M . 3.32 10.36 -49.43
O5 GLC M . -0.01 9.24 -48.45
O6 GLC M . -0.06 8.68 -51.27
C1 GLC N . 1.44 11.76 35.29
C1 GLC N . -2.05 13.06 26.49
C2 GLC N . 2.49 10.98 34.51
C2 GLC N . -1.31 14.38 26.69
C3 GLC N . 3.41 10.27 35.48
C3 GLC N . -1.64 15.30 25.54
C4 GLC N . 3.95 11.24 36.51
C4 GLC N . -1.32 14.61 24.22
C5 GLC N . 2.83 11.98 37.21
C5 GLC N . -2.03 13.26 24.10
C6 GLC N . 3.32 13.00 38.24
C6 GLC N . -1.68 12.50 22.82
O2 GLC N . 1.83 10.03 33.63
O2 GLC N . -1.68 14.98 27.93
O3 GLC N . 4.49 9.65 34.78
O3 GLC N . -0.91 16.53 25.67
O4 GLC N . 4.72 10.49 37.45
O4 GLC N . -1.76 15.49 23.20
O5 GLC N . 2.03 12.66 36.23
O5 GLC N . -1.67 12.48 25.24
O6 GLC N . 2.19 13.72 38.73
O6 GLC N . -2.30 11.21 22.83
C1 GLC N . 6.02 11.06 37.63
C1 GLC N . -0.78 15.67 22.20
C2 GLC N . 7.03 10.00 37.34
C2 GLC N . -0.55 17.16 22.01
C3 GLC N . 6.98 8.86 38.38
C3 GLC N . -1.83 17.84 21.48
C4 GLC N . 6.88 9.39 39.81
C4 GLC N . -2.41 17.08 20.29
C5 GLC N . 5.86 10.50 39.91
C5 GLC N . -2.51 15.60 20.59
C6 GLC N . 5.80 11.15 41.29
C6 GLC N . -2.95 14.81 19.37
O2 GLC N . 6.72 9.54 36.02
O2 GLC N . -0.18 17.65 23.30
O3 GLC N . 8.14 8.03 38.28
O3 GLC N . -1.55 19.18 21.06
O4 GLC N . 6.49 8.31 40.66
O4 GLC N . -3.71 17.61 20.00
O5 GLC N . 6.17 11.53 38.96
O5 GLC N . -1.24 15.08 20.98
O6 GLC N . 6.98 11.95 41.41
O6 GLC N . -1.85 14.86 18.46
C1 GLC N . 7.38 8.05 41.74
C1 GLC N . -3.83 18.14 18.69
C2 GLC N . 7.81 6.61 41.60
C2 GLC N . -4.29 19.58 18.80
C3 GLC N . 6.64 5.66 41.81
C3 GLC N . -5.67 19.66 19.44
C4 GLC N . 5.82 5.99 43.03
C4 GLC N . -6.68 18.75 18.80
C5 GLC N . 5.52 7.49 43.04
C5 GLC N . -6.08 17.36 18.51
C6 GLC N . 4.71 7.94 44.25
C6 GLC N . -6.89 16.59 17.49
O2 GLC N . 8.29 6.44 40.26
O2 GLC N . -3.33 20.24 19.63
O3 GLC N . 7.13 4.32 41.89
O3 GLC N . -6.14 21.01 19.42
O4 GLC N . 4.61 5.23 42.90
O4 GLC N . -7.76 18.64 19.73
O5 GLC N . 6.74 8.25 42.99
O5 GLC N . -4.78 17.40 17.94
O6 GLC N . 3.60 8.71 43.80
O6 GLC N . -7.59 15.54 18.14
C1 GLC N . 4.23 4.46 44.03
C1 GLC N . -9.08 18.81 19.20
C2 GLC N . 3.88 3.05 43.57
C2 GLC N . -9.84 19.83 20.04
C3 GLC N . 2.64 3.07 42.70
C3 GLC N . -10.11 19.31 21.45
C4 GLC N . 1.49 3.74 43.42
C4 GLC N . -10.85 17.96 21.39
C5 GLC N . 1.89 5.11 43.92
C5 GLC N . -10.07 17.00 20.49
C6 GLC N . 0.80 5.66 44.82
C6 GLC N . -10.88 15.73 20.27
O2 GLC N . 4.98 2.49 42.85
O2 GLC N . -9.08 21.03 20.12
O3 GLC N . 2.31 1.73 42.32
O3 GLC N . -10.86 20.29 22.16
O4 GLC N . 0.39 3.86 42.53
O4 GLC N . -10.96 17.39 22.69
O5 GLC N . 3.10 5.04 44.67
O5 GLC N . -9.81 17.58 19.22
O6 GLC N . 0.55 4.68 45.83
O6 GLC N . -12.10 16.06 19.63
C1 GLC N . -0.81 3.25 42.99
C1 GLC N . -12.28 17.07 23.12
C2 GLC N . -1.37 2.41 41.85
C2 GLC N . -12.51 17.61 24.51
C3 GLC N . -1.65 3.29 40.65
C3 GLC N . -11.57 16.93 25.49
C4 GLC N . -2.55 4.44 41.04
C4 GLC N . -11.71 15.42 25.40
C5 GLC N . -1.97 5.17 42.26
C5 GLC N . -11.57 14.95 23.96
C6 GLC N . -2.90 6.25 42.79
C6 GLC N . -11.89 13.47 23.79
O2 GLC N . -0.42 1.40 41.48
O2 GLC N . -12.21 19.02 24.52
O3 GLC N . -2.22 2.49 39.60
O3 GLC N . -11.84 17.38 26.82
O4 GLC N . -2.67 5.29 39.90
O4 GLC N . -10.70 14.85 26.22
O5 GLC N . -1.76 4.25 43.32
O5 GLC N . -12.48 15.66 23.13
O6 GLC N . -4.24 5.75 42.79
O6 GLC N . -12.84 13.09 24.80
C1 GLC N . -4.02 5.67 39.65
C1 GLC N . -11.25 13.90 27.11
C2 GLC N . -4.36 5.41 38.20
C2 GLC N . -10.79 14.19 28.52
C3 GLC N . -3.53 6.31 37.30
C3 GLC N . -9.29 14.06 28.60
C4 GLC N . -3.78 7.78 37.60
C4 GLC N . -8.84 12.66 28.23
C5 GLC N . -3.99 8.10 39.06
C5 GLC N . -9.56 12.09 27.00
C6 GLC N . -5.03 9.19 39.30
C6 GLC N . -9.49 10.57 26.94
O2 GLC N . -4.15 4.02 37.89
O2 GLC N . -11.20 15.50 28.94
O3 GLC N . -3.96 6.12 35.96
O3 GLC N . -8.87 14.31 29.94
O4 GLC N . -2.73 8.58 37.06
O4 GLC N . -7.45 12.69 27.96
O5 GLC N . -4.19 7.05 40.00
O5 GLC N . -10.87 12.58 26.69
O6 GLC N . -4.69 9.72 40.57
O6 GLC N . -8.89 10.28 25.67
C1 GLC N . -3.27 9.73 36.41
C1 GLC N . -6.70 11.65 28.58
C2 GLC N . -2.78 9.75 34.97
C2 GLC N . -5.60 12.23 29.46
C3 GLC N . -1.27 9.76 34.99
C3 GLC N . -4.63 13.08 28.64
C4 GLC N . -0.75 10.93 35.80
C4 GLC N . -4.10 12.34 27.42
C5 GLC N . -1.41 10.96 37.19
C5 GLC N . -5.25 11.63 26.68
C6 GLC N . -1.05 12.16 38.02
C6 GLC N . -4.75 10.65 25.62
O2 GLC N . -3.25 8.59 34.26
O2 GLC N . -6.16 13.03 30.51
O3 GLC N . -0.75 9.82 33.66
O3 GLC N . -3.53 13.48 29.45
O4 GLC N . 0.65 10.77 35.96
O4 GLC N . -3.46 13.30 26.57
O5 GLC N . -2.82 10.92 37.05
O5 GLC N . -6.05 10.88 27.58
O6 GLC N . -1.55 11.90 39.34
O6 GLC N . -5.87 10.28 24.80
C1 GOL O . -23.13 4.39 7.17
O1 GOL O . -23.78 3.25 6.72
C2 GOL O . -21.83 4.27 6.52
O2 GOL O . -22.14 4.39 5.13
C3 GOL O . -20.88 5.30 7.14
O3 GOL O . -20.38 6.27 6.22
S SO4 P . 5.33 6.00 -28.76
O1 SO4 P . 5.31 5.98 -30.23
O2 SO4 P . 5.33 4.56 -28.29
O3 SO4 P . 6.51 6.67 -28.27
O4 SO4 P . 4.10 6.57 -28.25
S SO4 Q . -0.45 19.27 -10.29
O1 SO4 Q . -0.40 20.70 -10.63
O2 SO4 Q . -0.41 18.60 -11.59
O3 SO4 Q . 0.76 18.95 -9.46
O4 SO4 Q . -1.70 19.02 -9.57
C1 GOL R . 13.68 -15.19 -23.44
O1 GOL R . 15.06 -15.62 -23.43
C2 GOL R . 13.02 -15.54 -22.13
O2 GOL R . 13.67 -14.90 -21.01
C3 GOL R . 11.61 -15.12 -22.12
O3 GOL R . 11.01 -15.97 -21.16
S SO4 S . -5.54 -19.85 27.49
O1 SO4 S . -6.83 -19.99 26.75
O2 SO4 S . -5.24 -21.15 28.17
O3 SO4 S . -4.48 -19.45 26.52
O4 SO4 S . -5.67 -18.79 28.55
S SO4 T . -11.37 -15.81 11.91
O1 SO4 T . -10.63 -15.55 13.14
O2 SO4 T . -12.43 -14.74 11.82
O3 SO4 T . -10.54 -15.72 10.72
O4 SO4 T . -12.08 -17.04 12.10
S SO4 U . -17.53 -33.22 -2.48
O1 SO4 U . -17.40 -32.51 -3.79
O2 SO4 U . -16.46 -34.25 -2.43
O3 SO4 U . -17.28 -32.32 -1.37
O4 SO4 U . -18.83 -33.88 -2.31
S SO4 V . -1.80 9.61 -43.90
O1 SO4 V . -2.69 10.73 -44.34
O2 SO4 V . -1.92 8.47 -44.86
O3 SO4 V . -0.38 10.04 -43.78
O4 SO4 V . -2.30 9.17 -42.55
#